data_2H1H
#
_entry.id   2H1H
#
_cell.length_a   77.530
_cell.length_b   88.900
_cell.length_c   90.800
_cell.angle_alpha   90.00
_cell.angle_beta   90.00
_cell.angle_gamma   90.00
#
_symmetry.space_group_name_H-M   'P 21 21 21'
#
loop_
_entity.id
_entity.type
_entity.pdbx_description
1 polymer 'Lipopolysaccharide heptosyltransferase 1'
2 non-polymer "ADENOSINE-5'-DIPHOSPHATE-2-DEOXY-2-FLUORO HEPTOSE"
3 water water
#
_entity_poly.entity_id   1
_entity_poly.type   'polypeptide(L)'
_entity_poly.pdbx_seq_one_letter_code
;MRVLIVKTSSMGDVLHTLPALTDAQQAIPGIKFDWVVEEGFAQIPSWHAAVERVIPVAIRRWRKAWFSAPIKAERKAFRE
ALQAKNYDAVIDAQGLVKSAALVTRLAHGVKHGMDWQTAREPLASLFYNRKHHIAKQQHAVERTRELFAKSLGYSKPQTQ
GDYAIAQHFLTNLPTDAGEYAVFLHATTRDDKHWPEEHWRELIGLLADSGIRIKLPWGAPHEEERAKRLAEGFAYVEVLP
KMSLEGVARVLAGAKFVVSVDTGLSHLTAALDRPNITVYGPTDPGLIGGYGKNQMVCRAPGNELSQLTANAVKQFIEENA
EKAAMILEHHHHHH
;
_entity_poly.pdbx_strand_id   A,B
#
loop_
_chem_comp.id
_chem_comp.type
_chem_comp.name
_chem_comp.formula
AFH non-polymer 'ADENOSINE-5'-DIPHOSPHATE-2-DEOXY-2-FLUORO HEPTOSE' 'C17 H26 F N5 O15 P2'
#
# COMPACT_ATOMS: atom_id res chain seq x y z
N MET A 1 -30.84 -5.86 -29.14
CA MET A 1 -29.54 -6.57 -29.25
C MET A 1 -29.30 -7.43 -28.01
N ARG A 2 -28.86 -8.66 -28.22
CA ARG A 2 -28.58 -9.57 -27.12
C ARG A 2 -27.12 -10.01 -27.12
N VAL A 3 -26.45 -9.71 -26.01
CA VAL A 3 -25.04 -10.05 -25.85
C VAL A 3 -24.84 -11.02 -24.70
N LEU A 4 -23.89 -11.93 -24.89
CA LEU A 4 -23.55 -12.91 -23.87
C LEU A 4 -22.20 -12.52 -23.28
N ILE A 5 -22.12 -12.50 -21.94
CA ILE A 5 -20.90 -12.16 -21.22
C ILE A 5 -20.30 -13.39 -20.57
N VAL A 6 -19.00 -13.54 -20.71
CA VAL A 6 -18.27 -14.65 -20.11
C VAL A 6 -17.33 -13.97 -19.12
N LYS A 7 -17.73 -14.03 -17.84
CA LYS A 7 -16.97 -13.43 -16.76
C LYS A 7 -17.48 -14.18 -15.54
N THR A 8 -16.86 -15.33 -15.28
CA THR A 8 -17.28 -16.23 -14.22
C THR A 8 -16.70 -16.09 -12.83
N SER A 9 -15.37 -16.17 -12.75
CA SER A 9 -14.65 -16.19 -11.49
C SER A 9 -14.09 -14.92 -10.89
N SER A 10 -14.12 -14.94 -9.56
CA SER A 10 -13.69 -13.86 -8.71
C SER A 10 -14.84 -12.88 -8.58
N MET A 11 -15.38 -12.80 -7.37
CA MET A 11 -16.48 -11.90 -7.08
C MET A 11 -16.07 -10.51 -7.56
N GLY A 12 -14.82 -10.16 -7.30
CA GLY A 12 -14.31 -8.87 -7.72
C GLY A 12 -14.35 -8.68 -9.22
N ASP A 13 -13.88 -9.67 -9.98
CA ASP A 13 -13.86 -9.54 -11.43
C ASP A 13 -15.27 -9.43 -11.98
N VAL A 14 -16.22 -10.09 -11.33
CA VAL A 14 -17.59 -10.03 -11.77
C VAL A 14 -18.16 -8.63 -11.53
N LEU A 15 -17.90 -8.10 -10.35
CA LEU A 15 -18.39 -6.76 -9.97
C LEU A 15 -17.80 -5.66 -10.84
N HIS A 16 -16.55 -5.83 -11.24
CA HIS A 16 -15.85 -4.86 -12.07
C HIS A 16 -16.40 -4.81 -13.48
N THR A 17 -17.17 -5.83 -13.86
CA THR A 17 -17.73 -5.85 -15.21
C THR A 17 -18.96 -4.97 -15.36
N LEU A 18 -19.66 -4.73 -14.25
CA LEU A 18 -20.89 -3.94 -14.24
C LEU A 18 -20.85 -2.57 -14.92
N PRO A 19 -19.85 -1.73 -14.61
CA PRO A 19 -19.83 -0.41 -15.27
C PRO A 19 -19.90 -0.53 -16.80
N ALA A 20 -19.32 -1.62 -17.32
CA ALA A 20 -19.31 -1.86 -18.75
C ALA A 20 -20.74 -2.07 -19.26
N LEU A 21 -21.56 -2.78 -18.48
CA LEU A 21 -22.95 -3.00 -18.88
C LEU A 21 -23.71 -1.68 -18.80
N THR A 22 -23.33 -0.82 -17.85
CA THR A 22 -24.02 0.45 -17.74
C THR A 22 -23.71 1.32 -18.97
N ASP A 23 -22.45 1.35 -19.40
CA ASP A 23 -22.08 2.12 -20.61
C ASP A 23 -22.90 1.63 -21.79
N ALA A 24 -22.84 0.33 -22.04
CA ALA A 24 -23.55 -0.27 -23.17
C ALA A 24 -25.03 0.10 -23.19
N GLN A 25 -25.69 -0.06 -22.04
CA GLN A 25 -27.10 0.22 -21.92
C GLN A 25 -27.46 1.67 -22.24
N GLN A 26 -26.61 2.58 -21.82
CA GLN A 26 -26.85 4.00 -22.07
C GLN A 26 -26.62 4.32 -23.54
N ALA A 27 -25.61 3.71 -24.13
CA ALA A 27 -25.28 3.94 -25.52
C ALA A 27 -26.23 3.22 -26.48
N ILE A 28 -26.64 2.02 -26.11
CA ILE A 28 -27.55 1.23 -26.95
C ILE A 28 -28.81 0.82 -26.20
N PRO A 29 -29.84 1.68 -26.22
CA PRO A 29 -31.08 1.35 -25.51
C PRO A 29 -31.69 0.04 -26.03
N GLY A 30 -32.19 -0.78 -25.12
CA GLY A 30 -32.76 -2.04 -25.54
C GLY A 30 -31.78 -3.19 -25.45
N ILE A 31 -30.49 -2.88 -25.30
CA ILE A 31 -29.51 -3.96 -25.20
C ILE A 31 -29.73 -4.75 -23.91
N LYS A 32 -29.55 -6.06 -24.01
CA LYS A 32 -29.69 -6.95 -22.87
C LYS A 32 -28.54 -7.94 -22.84
N PHE A 33 -28.12 -8.31 -21.64
CA PHE A 33 -27.02 -9.22 -21.47
C PHE A 33 -27.37 -10.50 -20.74
N ASP A 34 -26.80 -11.60 -21.21
CA ASP A 34 -26.93 -12.89 -20.55
C ASP A 34 -25.53 -12.96 -19.96
N TRP A 35 -25.34 -13.73 -18.90
CA TRP A 35 -24.02 -13.73 -18.27
C TRP A 35 -23.64 -15.08 -17.67
N VAL A 36 -22.51 -15.64 -18.11
CA VAL A 36 -22.07 -16.92 -17.57
C VAL A 36 -21.20 -16.59 -16.37
N VAL A 37 -21.64 -17.05 -15.19
CA VAL A 37 -20.93 -16.73 -13.95
C VAL A 37 -20.98 -17.87 -12.92
N GLU A 38 -19.97 -17.94 -12.06
CA GLU A 38 -19.94 -18.96 -11.01
C GLU A 38 -21.20 -18.80 -10.16
N GLU A 39 -21.86 -19.91 -9.85
CA GLU A 39 -23.09 -19.88 -9.04
C GLU A 39 -23.00 -19.02 -7.80
N GLY A 40 -21.87 -19.08 -7.11
CA GLY A 40 -21.71 -18.30 -5.89
C GLY A 40 -21.90 -16.81 -6.10
N PHE A 41 -21.76 -16.36 -7.35
CA PHE A 41 -21.90 -14.95 -7.64
C PHE A 41 -23.07 -14.68 -8.59
N ALA A 42 -23.86 -15.70 -8.87
CA ALA A 42 -24.98 -15.59 -9.80
C ALA A 42 -26.01 -14.51 -9.46
N GLN A 43 -26.13 -14.14 -8.19
CA GLN A 43 -27.08 -13.11 -7.80
C GLN A 43 -26.62 -11.71 -8.22
N ILE A 44 -25.31 -11.49 -8.29
CA ILE A 44 -24.80 -10.16 -8.64
C ILE A 44 -25.29 -9.61 -9.98
N PRO A 45 -25.10 -10.35 -11.09
CA PRO A 45 -25.57 -9.82 -12.37
C PRO A 45 -27.07 -9.47 -12.38
N SER A 46 -27.85 -10.24 -11.62
CA SER A 46 -29.31 -10.04 -11.56
C SER A 46 -29.68 -8.66 -11.03
N TRP A 47 -28.77 -8.03 -10.29
CA TRP A 47 -29.04 -6.72 -9.73
C TRP A 47 -28.92 -5.60 -10.74
N HIS A 48 -28.39 -5.89 -11.92
CA HIS A 48 -28.24 -4.87 -12.95
C HIS A 48 -29.41 -4.90 -13.95
N ALA A 49 -29.91 -3.72 -14.30
CA ALA A 49 -31.04 -3.56 -15.21
C ALA A 49 -30.85 -4.12 -16.63
N ALA A 50 -29.62 -4.12 -17.12
CA ALA A 50 -29.36 -4.61 -18.45
C ALA A 50 -29.16 -6.12 -18.49
N VAL A 51 -29.19 -6.77 -17.33
CA VAL A 51 -28.99 -8.21 -17.30
C VAL A 51 -30.28 -9.03 -17.45
N GLU A 52 -30.30 -9.85 -18.48
CA GLU A 52 -31.45 -10.69 -18.78
C GLU A 52 -31.33 -12.04 -18.06
N ARG A 53 -30.71 -13.01 -18.73
CA ARG A 53 -30.56 -14.35 -18.19
C ARG A 53 -29.17 -14.67 -17.64
N VAL A 54 -29.14 -15.17 -16.40
CA VAL A 54 -27.89 -15.56 -15.77
C VAL A 54 -27.73 -17.06 -16.02
N ILE A 55 -26.54 -17.46 -16.45
CA ILE A 55 -26.27 -18.87 -16.72
C ILE A 55 -25.15 -19.26 -15.77
N PRO A 56 -25.49 -19.90 -14.65
CA PRO A 56 -24.47 -20.31 -13.68
C PRO A 56 -23.62 -21.49 -14.09
N VAL A 57 -22.42 -21.53 -13.53
CA VAL A 57 -21.47 -22.62 -13.75
C VAL A 57 -20.87 -22.82 -12.38
N ALA A 58 -20.40 -24.03 -12.11
CA ALA A 58 -19.79 -24.34 -10.82
C ALA A 58 -18.61 -25.25 -11.06
N ILE A 59 -17.65 -24.74 -11.83
CA ILE A 59 -16.46 -25.50 -12.17
C ILE A 59 -15.82 -26.25 -11.02
N ARG A 60 -15.16 -25.52 -10.11
CA ARG A 60 -14.49 -26.15 -8.97
C ARG A 60 -15.32 -27.23 -8.30
N ARG A 61 -16.57 -26.91 -7.97
CA ARG A 61 -17.43 -27.89 -7.32
C ARG A 61 -17.53 -29.12 -8.21
N TRP A 62 -18.05 -28.91 -9.42
CA TRP A 62 -18.18 -30.01 -10.38
C TRP A 62 -16.85 -30.75 -10.53
N ARG A 63 -15.84 -30.02 -10.99
CA ARG A 63 -14.51 -30.58 -11.25
C ARG A 63 -14.11 -31.70 -10.31
N LYS A 64 -14.65 -31.67 -9.10
CA LYS A 64 -14.37 -32.69 -8.10
C LYS A 64 -15.64 -33.57 -8.00
N ALA A 65 -15.75 -34.50 -8.95
CA ALA A 65 -16.87 -35.44 -9.09
C ALA A 65 -17.45 -35.11 -10.46
N TRP A 66 -16.55 -34.82 -11.40
CA TRP A 66 -16.89 -34.42 -12.76
C TRP A 66 -17.71 -35.38 -13.62
N PHE A 67 -17.62 -36.69 -13.36
CA PHE A 67 -18.39 -37.63 -14.15
C PHE A 67 -19.58 -38.23 -13.41
N SER A 68 -19.92 -37.63 -12.28
CA SER A 68 -21.05 -38.10 -11.49
C SER A 68 -22.35 -38.04 -12.28
N ALA A 69 -23.31 -38.86 -11.90
CA ALA A 69 -24.60 -38.87 -12.59
C ALA A 69 -25.29 -37.51 -12.45
N PRO A 70 -25.40 -36.98 -11.22
CA PRO A 70 -26.04 -35.69 -10.99
C PRO A 70 -25.25 -34.54 -11.64
N ILE A 71 -23.93 -34.59 -11.52
CA ILE A 71 -23.06 -33.56 -12.11
C ILE A 71 -23.21 -33.57 -13.64
N LYS A 72 -23.11 -34.76 -14.23
CA LYS A 72 -23.25 -34.92 -15.68
C LYS A 72 -24.51 -34.18 -16.12
N ALA A 73 -25.54 -34.26 -15.28
CA ALA A 73 -26.81 -33.60 -15.57
C ALA A 73 -26.66 -32.07 -15.56
N GLU A 74 -25.99 -31.54 -14.54
CA GLU A 74 -25.80 -30.10 -14.45
C GLU A 74 -25.00 -29.57 -15.63
N ARG A 75 -23.92 -30.26 -15.96
CA ARG A 75 -23.08 -29.85 -17.06
C ARG A 75 -23.89 -29.87 -18.37
N LYS A 76 -24.80 -30.82 -18.49
CA LYS A 76 -25.63 -30.91 -19.70
C LYS A 76 -26.60 -29.74 -19.76
N ALA A 77 -27.27 -29.45 -18.64
CA ALA A 77 -28.22 -28.35 -18.58
C ALA A 77 -27.48 -27.04 -18.90
N PHE A 78 -26.26 -26.94 -18.39
CA PHE A 78 -25.45 -25.76 -18.64
C PHE A 78 -25.15 -25.55 -20.12
N ARG A 79 -24.62 -26.58 -20.77
CA ARG A 79 -24.29 -26.49 -22.18
C ARG A 79 -25.52 -26.07 -22.99
N GLU A 80 -26.64 -26.72 -22.72
CA GLU A 80 -27.86 -26.42 -23.44
C GLU A 80 -28.32 -25.00 -23.21
N ALA A 81 -28.21 -24.52 -21.97
CA ALA A 81 -28.60 -23.16 -21.65
C ALA A 81 -27.63 -22.19 -22.33
N LEU A 82 -26.35 -22.55 -22.31
CA LEU A 82 -25.32 -21.72 -22.92
C LEU A 82 -25.54 -21.59 -24.41
N GLN A 83 -26.00 -22.66 -25.04
CA GLN A 83 -26.20 -22.64 -26.49
C GLN A 83 -27.61 -22.29 -26.91
N ALA A 84 -28.50 -22.10 -25.94
CA ALA A 84 -29.89 -21.79 -26.22
C ALA A 84 -30.11 -20.69 -27.23
N LYS A 85 -29.46 -19.54 -27.02
CA LYS A 85 -29.65 -18.38 -27.88
C LYS A 85 -28.51 -18.07 -28.85
N ASN A 86 -28.84 -17.31 -29.89
CA ASN A 86 -27.86 -16.89 -30.88
C ASN A 86 -27.61 -15.42 -30.62
N TYR A 87 -26.49 -15.13 -29.97
CA TYR A 87 -26.12 -13.78 -29.61
C TYR A 87 -25.57 -12.93 -30.74
N ASP A 88 -25.80 -11.64 -30.62
CA ASP A 88 -25.33 -10.65 -31.58
C ASP A 88 -23.86 -10.48 -31.30
N ALA A 89 -23.47 -10.89 -30.11
CA ALA A 89 -22.10 -10.78 -29.68
C ALA A 89 -21.89 -11.55 -28.40
N VAL A 90 -20.76 -12.23 -28.34
CA VAL A 90 -20.37 -13.00 -27.17
C VAL A 90 -19.11 -12.26 -26.72
N ILE A 91 -19.12 -11.76 -25.49
CA ILE A 91 -17.96 -11.04 -25.02
C ILE A 91 -17.27 -11.76 -23.88
N ASP A 92 -16.06 -12.22 -24.16
CA ASP A 92 -15.28 -12.90 -23.16
C ASP A 92 -14.47 -11.84 -22.41
N ALA A 93 -14.94 -11.49 -21.21
CA ALA A 93 -14.24 -10.49 -20.42
C ALA A 93 -13.29 -11.17 -19.44
N GLN A 94 -13.18 -12.49 -19.54
CA GLN A 94 -12.32 -13.24 -18.65
C GLN A 94 -10.88 -13.40 -19.15
N GLY A 95 -10.73 -13.65 -20.46
CA GLY A 95 -9.41 -13.81 -21.04
C GLY A 95 -8.59 -15.00 -20.58
N LEU A 96 -9.26 -16.09 -20.23
CA LEU A 96 -8.58 -17.31 -19.79
C LEU A 96 -8.80 -18.45 -20.76
N VAL A 97 -7.79 -19.31 -20.93
CA VAL A 97 -7.92 -20.43 -21.84
C VAL A 97 -9.03 -21.37 -21.38
N LYS A 98 -9.08 -21.63 -20.07
CA LYS A 98 -10.08 -22.53 -19.52
C LYS A 98 -11.52 -22.09 -19.76
N SER A 99 -11.78 -20.79 -19.59
CA SER A 99 -13.12 -20.28 -19.82
C SER A 99 -13.46 -20.14 -21.31
N ALA A 100 -12.44 -19.94 -22.14
CA ALA A 100 -12.69 -19.82 -23.57
C ALA A 100 -12.97 -21.20 -24.16
N ALA A 101 -12.31 -22.22 -23.64
CA ALA A 101 -12.52 -23.58 -24.14
C ALA A 101 -13.77 -24.21 -23.55
N LEU A 102 -14.09 -23.85 -22.32
CA LEU A 102 -15.26 -24.41 -21.67
C LEU A 102 -16.55 -23.64 -21.91
N VAL A 103 -16.43 -22.37 -22.25
CA VAL A 103 -17.62 -21.54 -22.44
C VAL A 103 -17.69 -20.82 -23.78
N THR A 104 -16.91 -19.74 -23.91
CA THR A 104 -16.89 -18.93 -25.11
C THR A 104 -16.93 -19.72 -26.42
N ARG A 105 -16.06 -20.71 -26.52
CA ARG A 105 -15.97 -21.56 -27.70
C ARG A 105 -17.33 -22.14 -28.10
N LEU A 106 -18.15 -22.48 -27.12
CA LEU A 106 -19.45 -23.10 -27.36
C LEU A 106 -20.67 -22.23 -27.66
N ALA A 107 -20.60 -20.93 -27.40
CA ALA A 107 -21.73 -20.03 -27.63
C ALA A 107 -21.89 -19.63 -29.10
N HIS A 108 -23.12 -19.29 -29.50
CA HIS A 108 -23.37 -18.88 -30.88
C HIS A 108 -23.29 -17.37 -31.00
N GLY A 109 -22.50 -16.91 -31.95
CA GLY A 109 -22.35 -15.48 -32.19
C GLY A 109 -20.92 -15.03 -32.31
N VAL A 110 -20.72 -13.85 -32.89
CA VAL A 110 -19.38 -13.30 -33.04
C VAL A 110 -18.76 -13.25 -31.64
N LYS A 111 -17.57 -13.83 -31.49
CA LYS A 111 -16.91 -13.86 -30.21
C LYS A 111 -15.83 -12.80 -30.10
N HIS A 112 -15.99 -11.92 -29.11
CA HIS A 112 -15.05 -10.84 -28.87
C HIS A 112 -14.23 -11.13 -27.63
N GLY A 113 -12.98 -10.67 -27.66
CA GLY A 113 -12.09 -10.87 -26.55
C GLY A 113 -10.84 -10.05 -26.76
N MET A 114 -9.94 -10.06 -25.79
CA MET A 114 -8.70 -9.31 -25.86
C MET A 114 -7.69 -9.98 -26.79
N ASP A 115 -6.84 -9.18 -27.42
CA ASP A 115 -5.86 -9.71 -28.34
C ASP A 115 -4.71 -10.41 -27.61
N TRP A 116 -3.84 -11.05 -28.39
CA TRP A 116 -2.69 -11.79 -27.88
C TRP A 116 -1.84 -11.08 -26.83
N GLN A 117 -1.61 -9.79 -27.02
CA GLN A 117 -0.80 -9.04 -26.08
C GLN A 117 -1.55 -8.39 -24.91
N THR A 118 -2.89 -8.42 -24.90
CA THR A 118 -3.62 -7.82 -23.79
C THR A 118 -4.47 -8.80 -22.98
N ALA A 119 -4.68 -10.00 -23.52
CA ALA A 119 -5.47 -11.03 -22.83
C ALA A 119 -4.72 -11.61 -21.62
N ARG A 120 -5.46 -11.87 -20.54
CA ARG A 120 -4.93 -12.44 -19.31
C ARG A 120 -3.99 -13.60 -19.63
N GLU A 121 -4.41 -14.44 -20.58
CA GLU A 121 -3.60 -15.56 -21.04
C GLU A 121 -3.63 -15.43 -22.56
N PRO A 122 -2.52 -14.95 -23.16
CA PRO A 122 -2.37 -14.75 -24.61
C PRO A 122 -3.05 -15.77 -25.50
N LEU A 123 -2.82 -17.05 -25.22
CA LEU A 123 -3.40 -18.13 -26.01
C LEU A 123 -4.92 -18.16 -26.14
N ALA A 124 -5.62 -17.51 -25.21
CA ALA A 124 -7.09 -17.47 -25.25
C ALA A 124 -7.52 -16.61 -26.43
N SER A 125 -6.65 -15.69 -26.84
CA SER A 125 -6.94 -14.79 -27.95
C SER A 125 -7.21 -15.55 -29.24
N LEU A 126 -6.71 -16.79 -29.33
CA LEU A 126 -6.92 -17.59 -30.51
C LEU A 126 -8.36 -18.05 -30.60
N PHE A 127 -9.08 -18.01 -29.49
CA PHE A 127 -10.47 -18.46 -29.45
C PHE A 127 -11.50 -17.40 -29.85
N TYR A 128 -11.06 -16.21 -30.21
CA TYR A 128 -12.03 -15.18 -30.56
C TYR A 128 -12.15 -14.91 -32.05
N ASN A 129 -13.27 -14.31 -32.44
CA ASN A 129 -13.47 -13.94 -33.84
C ASN A 129 -12.91 -12.53 -34.01
N ARG A 130 -13.14 -11.69 -32.99
CA ARG A 130 -12.69 -10.30 -32.96
C ARG A 130 -11.76 -10.15 -31.77
N LYS A 131 -10.53 -9.70 -32.03
CA LYS A 131 -9.56 -9.50 -30.96
C LYS A 131 -9.32 -8.01 -30.82
N HIS A 132 -9.55 -7.49 -29.62
CA HIS A 132 -9.39 -6.07 -29.39
C HIS A 132 -8.17 -5.81 -28.53
N HIS A 133 -7.52 -4.67 -28.75
CA HIS A 133 -6.36 -4.32 -27.96
C HIS A 133 -6.75 -3.43 -26.79
N ILE A 134 -6.69 -3.98 -25.59
CA ILE A 134 -7.04 -3.22 -24.41
C ILE A 134 -5.82 -3.00 -23.53
N ALA A 135 -5.31 -1.77 -23.55
CA ALA A 135 -4.15 -1.39 -22.76
C ALA A 135 -4.25 -1.97 -21.36
N LYS A 136 -3.15 -2.56 -20.90
CA LYS A 136 -3.09 -3.16 -19.57
C LYS A 136 -2.92 -2.14 -18.45
N GLN A 137 -2.26 -1.02 -18.73
CA GLN A 137 -2.04 -0.02 -17.70
C GLN A 137 -3.26 0.86 -17.46
N GLN A 138 -4.24 0.27 -16.79
CA GLN A 138 -5.48 0.95 -16.41
C GLN A 138 -6.28 -0.05 -15.60
N HIS A 139 -7.25 0.45 -14.83
CA HIS A 139 -8.06 -0.41 -13.98
C HIS A 139 -8.92 -1.39 -14.76
N ALA A 140 -9.11 -2.57 -14.15
CA ALA A 140 -9.91 -3.62 -14.73
C ALA A 140 -11.29 -3.12 -15.18
N VAL A 141 -11.89 -2.25 -14.38
CA VAL A 141 -13.20 -1.69 -14.71
C VAL A 141 -13.12 -0.95 -16.04
N GLU A 142 -12.09 -0.13 -16.23
CA GLU A 142 -11.91 0.62 -17.47
C GLU A 142 -11.58 -0.32 -18.65
N ARG A 143 -10.76 -1.33 -18.39
CA ARG A 143 -10.39 -2.27 -19.45
C ARG A 143 -11.62 -2.97 -20.00
N THR A 144 -12.52 -3.39 -19.11
CA THR A 144 -13.74 -4.05 -19.53
C THR A 144 -14.66 -3.07 -20.24
N ARG A 145 -14.67 -1.82 -19.78
CA ARG A 145 -15.50 -0.82 -20.43
C ARG A 145 -15.00 -0.60 -21.85
N GLU A 146 -13.67 -0.62 -22.01
CA GLU A 146 -13.07 -0.43 -23.33
C GLU A 146 -13.41 -1.65 -24.20
N LEU A 147 -13.35 -2.84 -23.62
CA LEU A 147 -13.67 -4.05 -24.35
C LEU A 147 -15.11 -4.01 -24.85
N PHE A 148 -16.04 -3.64 -23.97
CA PHE A 148 -17.44 -3.57 -24.35
C PHE A 148 -17.66 -2.51 -25.42
N ALA A 149 -17.03 -1.35 -25.24
CA ALA A 149 -17.16 -0.26 -26.20
C ALA A 149 -16.72 -0.66 -27.61
N LYS A 150 -15.52 -1.21 -27.72
CA LYS A 150 -14.97 -1.63 -28.99
C LYS A 150 -15.73 -2.81 -29.61
N SER A 151 -16.24 -3.70 -28.76
CA SER A 151 -16.99 -4.86 -29.23
C SER A 151 -18.38 -4.47 -29.69
N LEU A 152 -18.96 -3.43 -29.10
CA LEU A 152 -20.31 -3.04 -29.44
C LEU A 152 -20.51 -1.79 -30.29
N GLY A 153 -19.42 -1.24 -30.80
CA GLY A 153 -19.54 -0.07 -31.64
C GLY A 153 -19.97 1.22 -31.00
N TYR A 154 -19.34 1.58 -29.89
CA TYR A 154 -19.64 2.85 -29.24
C TYR A 154 -18.40 3.26 -28.47
N SER A 155 -18.25 4.57 -28.26
CA SER A 155 -17.09 5.09 -27.55
C SER A 155 -17.33 5.12 -26.06
N LYS A 156 -16.31 4.74 -25.29
CA LYS A 156 -16.41 4.73 -23.84
C LYS A 156 -16.54 6.14 -23.29
N PRO A 157 -17.55 6.37 -22.44
CA PRO A 157 -17.80 7.67 -21.81
C PRO A 157 -16.63 8.09 -20.93
N GLN A 158 -16.32 9.37 -20.94
CA GLN A 158 -15.24 9.89 -20.11
C GLN A 158 -15.61 9.89 -18.64
N THR A 159 -16.88 9.68 -18.34
CA THR A 159 -17.35 9.66 -16.96
C THR A 159 -16.85 8.42 -16.22
N GLN A 160 -16.92 8.46 -14.90
CA GLN A 160 -16.49 7.33 -14.11
C GLN A 160 -17.50 6.22 -14.26
N GLY A 161 -17.00 4.99 -14.22
CA GLY A 161 -17.88 3.85 -14.35
C GLY A 161 -18.93 3.86 -13.25
N ASP A 162 -20.15 3.48 -13.61
CA ASP A 162 -21.26 3.41 -12.67
C ASP A 162 -21.73 1.96 -12.63
N TYR A 163 -21.45 1.28 -11.52
CA TYR A 163 -21.84 -0.11 -11.32
C TYR A 163 -23.33 -0.28 -11.46
N ALA A 164 -24.07 0.76 -11.05
CA ALA A 164 -25.51 0.77 -11.17
C ALA A 164 -26.26 -0.42 -10.54
N ILE A 165 -25.87 -0.84 -9.34
CA ILE A 165 -26.60 -1.92 -8.68
C ILE A 165 -27.14 -1.48 -7.32
N ALA A 166 -26.75 -0.28 -6.88
CA ALA A 166 -27.19 0.25 -5.60
C ALA A 166 -28.70 0.43 -5.59
N GLN A 167 -29.24 0.91 -6.72
CA GLN A 167 -30.67 1.14 -6.85
C GLN A 167 -31.47 -0.12 -6.56
N HIS A 168 -30.85 -1.29 -6.74
CA HIS A 168 -31.54 -2.55 -6.49
C HIS A 168 -31.83 -2.73 -5.02
N PHE A 169 -31.12 -1.98 -4.18
CA PHE A 169 -31.28 -2.08 -2.73
C PHE A 169 -31.91 -0.85 -2.09
N LEU A 170 -31.84 0.28 -2.77
CA LEU A 170 -32.38 1.52 -2.27
C LEU A 170 -33.80 1.44 -1.76
N THR A 171 -34.60 0.62 -2.41
CA THR A 171 -36.00 0.47 -2.04
C THR A 171 -36.20 -0.25 -0.72
N ASN A 172 -35.34 -1.22 -0.43
CA ASN A 172 -35.47 -1.95 0.81
C ASN A 172 -34.19 -1.89 1.64
N LEU A 173 -33.79 -0.68 2.01
CA LEU A 173 -32.60 -0.49 2.84
C LEU A 173 -32.98 -0.83 4.26
N PRO A 174 -31.99 -1.26 5.07
CA PRO A 174 -32.28 -1.60 6.46
C PRO A 174 -32.91 -0.39 7.14
N THR A 175 -33.73 -0.65 8.15
CA THR A 175 -34.38 0.41 8.90
C THR A 175 -33.32 1.30 9.54
N ASP A 176 -32.22 0.69 9.97
CA ASP A 176 -31.15 1.43 10.63
C ASP A 176 -30.02 1.81 9.68
N ALA A 177 -30.36 2.09 8.43
CA ALA A 177 -29.37 2.49 7.44
C ALA A 177 -28.71 3.79 7.88
N GLY A 178 -27.39 3.84 7.79
CA GLY A 178 -26.67 5.03 8.19
C GLY A 178 -26.32 5.08 9.67
N GLU A 179 -26.91 4.20 10.46
CA GLU A 179 -26.66 4.16 11.90
C GLU A 179 -25.47 3.27 12.28
N TYR A 180 -24.93 2.54 11.31
CA TYR A 180 -23.84 1.63 11.60
C TYR A 180 -22.73 1.60 10.54
N ALA A 181 -21.66 0.90 10.89
CA ALA A 181 -20.52 0.73 10.00
C ALA A 181 -20.38 -0.78 9.89
N VAL A 182 -19.77 -1.25 8.82
CA VAL A 182 -19.56 -2.67 8.64
C VAL A 182 -18.08 -2.94 8.49
N PHE A 183 -17.57 -3.86 9.31
CA PHE A 183 -16.16 -4.24 9.27
C PHE A 183 -16.03 -5.60 8.60
N LEU A 184 -15.36 -5.63 7.44
CA LEU A 184 -15.18 -6.88 6.71
C LEU A 184 -13.80 -7.41 7.10
N HIS A 185 -13.81 -8.43 7.95
CA HIS A 185 -12.58 -9.00 8.46
C HIS A 185 -12.17 -10.30 7.82
N ALA A 186 -13.12 -11.02 7.25
CA ALA A 186 -12.82 -12.32 6.66
C ALA A 186 -12.28 -12.30 5.25
N THR A 187 -11.23 -13.08 5.04
CA THR A 187 -10.61 -13.20 3.73
C THR A 187 -9.92 -14.56 3.56
N THR A 188 -9.42 -14.81 2.35
CA THR A 188 -8.78 -16.07 1.96
C THR A 188 -7.43 -16.48 2.55
N ARG A 189 -6.60 -15.52 2.94
CA ARG A 189 -5.28 -15.86 3.44
C ARG A 189 -4.92 -15.17 4.74
N ASP A 190 -4.20 -15.87 5.59
CA ASP A 190 -3.80 -15.34 6.89
C ASP A 190 -3.12 -13.98 6.84
N ASP A 191 -2.08 -13.85 6.02
CA ASP A 191 -1.33 -12.60 5.92
C ASP A 191 -2.15 -11.41 5.40
N LYS A 192 -3.33 -11.70 4.84
CA LYS A 192 -4.20 -10.64 4.33
C LYS A 192 -5.16 -10.15 5.42
N HIS A 193 -5.23 -10.89 6.53
CA HIS A 193 -6.12 -10.54 7.63
C HIS A 193 -5.47 -9.46 8.48
N TRP A 194 -6.30 -8.58 9.04
CA TRP A 194 -5.79 -7.56 9.94
C TRP A 194 -5.92 -8.26 11.29
N PRO A 195 -4.83 -8.31 12.07
CA PRO A 195 -4.91 -8.99 13.37
C PRO A 195 -6.13 -8.63 14.19
N GLU A 196 -6.74 -9.65 14.78
CA GLU A 196 -7.92 -9.49 15.60
C GLU A 196 -7.72 -8.40 16.64
N GLU A 197 -6.53 -8.39 17.24
CA GLU A 197 -6.18 -7.40 18.25
C GLU A 197 -6.42 -5.96 17.77
N HIS A 198 -6.00 -5.66 16.54
CA HIS A 198 -6.17 -4.31 15.98
C HIS A 198 -7.62 -4.01 15.70
N TRP A 199 -8.35 -5.02 15.24
CA TRP A 199 -9.76 -4.86 14.97
C TRP A 199 -10.44 -4.42 16.27
N ARG A 200 -10.22 -5.16 17.35
CA ARG A 200 -10.83 -4.82 18.62
C ARG A 200 -10.44 -3.42 19.11
N GLU A 201 -9.21 -3.01 18.84
CA GLU A 201 -8.77 -1.67 19.24
C GLU A 201 -9.54 -0.61 18.46
N LEU A 202 -9.66 -0.80 17.15
CA LEU A 202 -10.40 0.14 16.29
C LEU A 202 -11.81 0.27 16.84
N ILE A 203 -12.44 -0.88 17.04
CA ILE A 203 -13.79 -0.95 17.60
C ILE A 203 -13.83 -0.14 18.89
N GLY A 204 -12.87 -0.41 19.77
CA GLY A 204 -12.81 0.30 21.04
C GLY A 204 -12.73 1.81 20.85
N LEU A 205 -11.93 2.26 19.89
CA LEU A 205 -11.80 3.69 19.63
C LEU A 205 -13.12 4.32 19.24
N LEU A 206 -14.06 3.51 18.75
CA LEU A 206 -15.34 4.03 18.32
C LEU A 206 -16.45 3.91 19.38
N ALA A 207 -16.13 3.29 20.50
CA ALA A 207 -17.09 3.09 21.58
C ALA A 207 -17.99 4.26 21.95
N ASP A 208 -17.40 5.43 22.20
CA ASP A 208 -18.20 6.59 22.61
C ASP A 208 -18.78 7.41 21.48
N SER A 209 -18.56 7.01 20.23
CA SER A 209 -19.09 7.79 19.12
C SER A 209 -20.59 7.65 19.02
N GLY A 210 -21.12 6.50 19.45
CA GLY A 210 -22.54 6.28 19.38
C GLY A 210 -22.90 5.47 18.14
N ILE A 211 -21.89 5.15 17.35
CA ILE A 211 -22.09 4.36 16.14
C ILE A 211 -22.27 2.89 16.53
N ARG A 212 -22.83 2.09 15.62
CA ARG A 212 -22.96 0.66 15.84
C ARG A 212 -22.12 -0.04 14.76
N ILE A 213 -21.68 -1.25 15.02
CA ILE A 213 -20.84 -1.98 14.08
C ILE A 213 -21.37 -3.38 13.82
N LYS A 214 -21.45 -3.76 12.55
CA LYS A 214 -21.95 -5.08 12.17
C LYS A 214 -20.87 -5.92 11.53
N LEU A 215 -20.78 -7.19 11.94
CA LEU A 215 -19.74 -8.09 11.45
C LEU A 215 -20.26 -9.29 10.66
N PRO A 216 -20.02 -9.28 9.34
CA PRO A 216 -20.46 -10.38 8.48
C PRO A 216 -19.55 -11.58 8.71
N TRP A 217 -19.87 -12.72 8.11
CA TRP A 217 -19.07 -13.92 8.23
C TRP A 217 -19.66 -14.96 7.28
N GLY A 218 -18.81 -15.65 6.54
CA GLY A 218 -19.31 -16.63 5.59
C GLY A 218 -19.04 -18.09 5.95
N ALA A 219 -18.06 -18.30 6.81
CA ALA A 219 -17.71 -19.65 7.23
C ALA A 219 -17.69 -19.74 8.75
N PRO A 220 -17.92 -20.94 9.29
CA PRO A 220 -17.92 -21.14 10.75
C PRO A 220 -16.77 -20.49 11.49
N HIS A 221 -15.53 -20.69 11.01
CA HIS A 221 -14.38 -20.09 11.69
C HIS A 221 -14.42 -18.57 11.59
N GLU A 222 -15.08 -18.04 10.57
CA GLU A 222 -15.19 -16.60 10.43
C GLU A 222 -16.21 -16.07 11.42
N GLU A 223 -17.22 -16.87 11.73
CA GLU A 223 -18.24 -16.48 12.69
C GLU A 223 -17.60 -16.42 14.07
N GLU A 224 -16.78 -17.44 14.36
CA GLU A 224 -16.09 -17.52 15.63
C GLU A 224 -15.16 -16.33 15.82
N ARG A 225 -14.50 -15.88 14.77
CA ARG A 225 -13.62 -14.71 14.91
C ARG A 225 -14.49 -13.48 15.16
N ALA A 226 -15.58 -13.36 14.42
CA ALA A 226 -16.49 -12.22 14.59
C ALA A 226 -16.98 -12.19 16.04
N LYS A 227 -17.26 -13.37 16.62
CA LYS A 227 -17.72 -13.40 18.01
C LYS A 227 -16.60 -12.86 18.90
N ARG A 228 -15.37 -13.28 18.62
CA ARG A 228 -14.23 -12.81 19.40
C ARG A 228 -14.05 -11.30 19.32
N LEU A 229 -14.26 -10.76 18.12
CA LEU A 229 -14.10 -9.33 17.90
C LEU A 229 -15.22 -8.52 18.55
N ALA A 230 -16.38 -9.13 18.71
CA ALA A 230 -17.55 -8.46 19.29
C ALA A 230 -17.62 -8.45 20.81
N GLU A 231 -17.02 -9.46 21.43
CA GLU A 231 -17.05 -9.58 22.90
C GLU A 231 -16.76 -8.30 23.70
N GLY A 232 -17.66 -7.99 24.64
CA GLY A 232 -17.48 -6.84 25.49
C GLY A 232 -17.89 -5.53 24.85
N PHE A 233 -18.35 -5.60 23.61
CA PHE A 233 -18.77 -4.40 22.87
C PHE A 233 -20.25 -4.45 22.54
N ALA A 234 -21.04 -3.85 23.41
CA ALA A 234 -22.49 -3.84 23.26
C ALA A 234 -22.98 -3.21 21.96
N TYR A 235 -22.18 -2.32 21.39
CA TYR A 235 -22.58 -1.66 20.13
C TYR A 235 -22.12 -2.40 18.87
N VAL A 236 -21.54 -3.59 19.05
CA VAL A 236 -21.08 -4.41 17.92
C VAL A 236 -22.01 -5.60 17.77
N GLU A 237 -22.38 -5.92 16.54
CA GLU A 237 -23.29 -7.01 16.28
C GLU A 237 -22.75 -8.04 15.29
N VAL A 238 -22.80 -9.31 15.67
CA VAL A 238 -22.37 -10.37 14.78
C VAL A 238 -23.60 -10.72 14.00
N LEU A 239 -23.52 -10.55 12.69
CA LEU A 239 -24.63 -10.84 11.80
C LEU A 239 -25.00 -12.30 11.74
N PRO A 240 -26.23 -12.60 11.30
CA PRO A 240 -26.64 -14.00 11.20
C PRO A 240 -26.04 -14.40 9.86
N LYS A 241 -26.02 -15.68 9.52
CA LYS A 241 -25.45 -16.02 8.22
C LYS A 241 -26.45 -15.63 7.15
N MET A 242 -25.97 -14.96 6.10
CA MET A 242 -26.86 -14.56 5.03
C MET A 242 -26.26 -14.77 3.64
N SER A 243 -27.09 -14.58 2.62
CA SER A 243 -26.66 -14.74 1.25
C SER A 243 -25.87 -13.50 0.83
N LEU A 244 -25.36 -13.57 -0.39
CA LEU A 244 -24.60 -12.47 -0.96
C LEU A 244 -25.51 -11.26 -1.04
N GLU A 245 -26.74 -11.50 -1.46
CA GLU A 245 -27.72 -10.43 -1.57
C GLU A 245 -28.00 -9.86 -0.19
N GLY A 246 -28.14 -10.73 0.81
CA GLY A 246 -28.39 -10.27 2.16
C GLY A 246 -27.26 -9.42 2.71
N VAL A 247 -26.02 -9.89 2.58
CA VAL A 247 -24.91 -9.12 3.09
C VAL A 247 -24.77 -7.84 2.26
N ALA A 248 -25.25 -7.89 1.03
CA ALA A 248 -25.19 -6.73 0.14
C ALA A 248 -26.20 -5.65 0.58
N ARG A 249 -27.32 -6.06 1.15
CA ARG A 249 -28.32 -5.11 1.63
C ARG A 249 -27.76 -4.45 2.90
N VAL A 250 -27.04 -5.22 3.71
CA VAL A 250 -26.42 -4.69 4.92
C VAL A 250 -25.35 -3.66 4.55
N LEU A 251 -24.55 -3.99 3.55
CA LEU A 251 -23.49 -3.07 3.12
C LEU A 251 -24.08 -1.76 2.58
N ALA A 252 -25.18 -1.87 1.83
CA ALA A 252 -25.83 -0.71 1.25
C ALA A 252 -26.30 0.29 2.33
N GLY A 253 -26.71 -0.23 3.48
CA GLY A 253 -27.17 0.61 4.56
C GLY A 253 -26.05 1.06 5.49
N ALA A 254 -24.82 0.69 5.17
CA ALA A 254 -23.69 1.05 6.01
C ALA A 254 -23.21 2.47 5.68
N LYS A 255 -22.85 3.24 6.71
CA LYS A 255 -22.37 4.60 6.51
C LYS A 255 -20.98 4.54 5.88
N PHE A 256 -20.17 3.60 6.34
CA PHE A 256 -18.85 3.41 5.79
C PHE A 256 -18.43 1.98 6.10
N VAL A 257 -17.37 1.54 5.46
CA VAL A 257 -16.89 0.19 5.67
C VAL A 257 -15.38 0.20 5.83
N VAL A 258 -14.87 -0.68 6.68
CA VAL A 258 -13.44 -0.85 6.87
C VAL A 258 -13.33 -2.32 6.47
N SER A 259 -12.35 -2.65 5.64
CA SER A 259 -12.25 -4.02 5.15
C SER A 259 -10.85 -4.45 4.70
N VAL A 260 -10.65 -5.76 4.62
CA VAL A 260 -9.39 -6.31 4.14
C VAL A 260 -9.63 -6.59 2.67
N ASP A 261 -8.56 -6.83 1.92
CA ASP A 261 -8.64 -7.09 0.50
C ASP A 261 -9.42 -8.38 0.29
N THR A 262 -10.73 -8.23 0.07
CA THR A 262 -11.61 -9.37 -0.13
C THR A 262 -12.78 -8.96 -1.05
N GLY A 263 -13.47 -9.96 -1.59
CA GLY A 263 -14.56 -9.68 -2.50
C GLY A 263 -15.63 -8.75 -1.98
N LEU A 264 -16.05 -8.94 -0.74
CA LEU A 264 -17.09 -8.09 -0.18
C LEU A 264 -16.64 -6.64 -0.17
N SER A 265 -15.33 -6.42 -0.16
CA SER A 265 -14.81 -5.06 -0.22
C SER A 265 -15.19 -4.54 -1.61
N HIS A 266 -15.00 -5.38 -2.63
CA HIS A 266 -15.32 -4.99 -4.01
C HIS A 266 -16.82 -4.81 -4.16
N LEU A 267 -17.60 -5.56 -3.40
CA LEU A 267 -19.05 -5.42 -3.45
C LEU A 267 -19.40 -4.04 -2.88
N THR A 268 -18.69 -3.67 -1.82
CA THR A 268 -18.89 -2.39 -1.18
C THR A 268 -18.65 -1.24 -2.15
N ALA A 269 -17.53 -1.29 -2.86
CA ALA A 269 -17.22 -0.25 -3.85
C ALA A 269 -18.31 -0.20 -4.92
N ALA A 270 -18.81 -1.36 -5.33
CA ALA A 270 -19.85 -1.41 -6.34
C ALA A 270 -21.14 -0.76 -5.82
N LEU A 271 -21.32 -0.80 -4.51
CA LEU A 271 -22.52 -0.22 -3.92
C LEU A 271 -22.31 1.27 -3.59
N ASP A 272 -21.14 1.80 -3.96
CA ASP A 272 -20.80 3.20 -3.71
C ASP A 272 -20.67 3.60 -2.23
N ARG A 273 -20.47 2.62 -1.36
CA ARG A 273 -20.35 2.94 0.06
C ARG A 273 -18.92 3.29 0.43
N PRO A 274 -18.73 4.38 1.18
CA PRO A 274 -17.38 4.80 1.60
C PRO A 274 -16.68 3.57 2.15
N ASN A 275 -15.46 3.34 1.68
CA ASN A 275 -14.74 2.15 2.07
C ASN A 275 -13.23 2.35 2.22
N ILE A 276 -12.72 1.87 3.36
CA ILE A 276 -11.31 1.93 3.67
C ILE A 276 -10.78 0.48 3.64
N THR A 277 -10.13 0.10 2.55
CA THR A 277 -9.58 -1.23 2.44
C THR A 277 -8.14 -1.22 2.92
N VAL A 278 -7.79 -2.17 3.79
CA VAL A 278 -6.43 -2.24 4.30
C VAL A 278 -5.67 -3.35 3.59
N TYR A 279 -4.53 -2.98 2.99
CA TYR A 279 -3.71 -3.93 2.25
C TYR A 279 -2.37 -4.20 2.94
N GLY A 280 -1.88 -5.42 2.76
CA GLY A 280 -0.61 -5.82 3.33
C GLY A 280 0.20 -6.54 2.26
N PRO A 281 0.12 -7.88 2.22
CA PRO A 281 0.88 -8.61 1.20
C PRO A 281 0.41 -8.35 -0.24
N THR A 282 -0.83 -7.88 -0.40
CA THR A 282 -1.35 -7.60 -1.74
C THR A 282 -1.25 -6.11 -2.07
N ASP A 283 -1.01 -5.84 -3.34
CA ASP A 283 -0.85 -4.48 -3.84
C ASP A 283 -2.15 -3.90 -4.35
N PRO A 284 -2.59 -2.76 -3.77
CA PRO A 284 -3.85 -2.11 -4.19
C PRO A 284 -3.74 -1.49 -5.58
N GLY A 285 -2.51 -1.29 -6.04
CA GLY A 285 -2.32 -0.71 -7.36
C GLY A 285 -2.68 -1.71 -8.45
N LEU A 286 -2.48 -2.98 -8.14
CA LEU A 286 -2.77 -4.04 -9.09
C LEU A 286 -4.18 -4.61 -8.97
N ILE A 287 -4.69 -4.64 -7.75
CA ILE A 287 -6.00 -5.23 -7.48
C ILE A 287 -6.95 -4.33 -6.69
N GLY A 288 -6.60 -3.06 -6.58
CA GLY A 288 -7.44 -2.14 -5.83
C GLY A 288 -8.88 -2.01 -6.32
N GLY A 289 -9.72 -1.45 -5.45
CA GLY A 289 -11.10 -1.27 -5.80
C GLY A 289 -11.27 -0.15 -6.82
N TYR A 290 -12.52 0.14 -7.17
CA TYR A 290 -12.83 1.18 -8.13
C TYR A 290 -14.14 1.80 -7.71
N GLY A 291 -14.19 3.13 -7.66
CA GLY A 291 -15.44 3.76 -7.29
C GLY A 291 -15.36 5.00 -6.42
N LYS A 292 -16.55 5.46 -6.07
CA LYS A 292 -16.73 6.64 -5.23
C LYS A 292 -16.34 6.36 -3.78
N ASN A 293 -15.58 7.27 -3.19
CA ASN A 293 -15.21 7.15 -1.78
C ASN A 293 -14.40 5.92 -1.38
N GLN A 294 -13.65 5.34 -2.30
CA GLN A 294 -12.86 4.18 -1.95
C GLN A 294 -11.50 4.70 -1.51
N MET A 295 -11.04 4.29 -0.35
CA MET A 295 -9.73 4.75 0.11
C MET A 295 -8.79 3.61 0.44
N VAL A 296 -7.60 3.68 -0.12
CA VAL A 296 -6.58 2.66 0.09
C VAL A 296 -5.82 2.94 1.37
N CYS A 297 -5.56 1.88 2.12
CA CYS A 297 -4.79 1.98 3.36
C CYS A 297 -3.75 0.88 3.38
N ARG A 298 -2.52 1.24 3.03
CA ARG A 298 -1.43 0.27 3.00
C ARG A 298 -0.80 0.11 4.38
N ALA A 299 -0.62 -1.13 4.81
CA ALA A 299 -0.01 -1.39 6.11
C ALA A 299 1.50 -1.21 6.02
N PRO A 300 2.10 -0.63 7.07
CA PRO A 300 3.55 -0.42 7.09
C PRO A 300 4.34 -1.69 6.73
N GLY A 301 5.32 -1.55 5.86
CA GLY A 301 6.14 -2.68 5.45
C GLY A 301 5.32 -3.85 4.94
N ASN A 302 4.16 -3.55 4.37
CA ASN A 302 3.24 -4.57 3.83
C ASN A 302 2.87 -5.65 4.83
N GLU A 303 2.99 -5.33 6.12
CA GLU A 303 2.65 -6.29 7.15
C GLU A 303 1.49 -5.74 7.96
N LEU A 304 0.33 -6.36 7.80
CA LEU A 304 -0.86 -5.90 8.51
C LEU A 304 -0.66 -5.87 10.03
N SER A 305 0.24 -6.71 10.53
CA SER A 305 0.54 -6.73 11.96
C SER A 305 1.07 -5.36 12.38
N GLN A 306 1.59 -4.61 11.41
CA GLN A 306 2.14 -3.28 11.68
C GLN A 306 1.13 -2.14 11.53
N LEU A 307 -0.05 -2.42 11.00
CA LEU A 307 -1.06 -1.37 10.81
C LEU A 307 -1.82 -1.15 12.12
N THR A 308 -1.82 0.08 12.64
CA THR A 308 -2.50 0.37 13.90
C THR A 308 -3.94 0.84 13.74
N ALA A 309 -4.73 0.54 14.76
CA ALA A 309 -6.13 0.91 14.78
C ALA A 309 -6.21 2.43 14.62
N ASN A 310 -5.25 3.13 15.21
CA ASN A 310 -5.19 4.58 15.15
C ASN A 310 -5.04 5.04 13.70
N ALA A 311 -4.16 4.36 12.96
CA ALA A 311 -3.94 4.75 11.58
C ALA A 311 -5.21 4.52 10.77
N VAL A 312 -5.89 3.40 11.01
CA VAL A 312 -7.09 3.13 10.24
C VAL A 312 -8.19 4.16 10.56
N LYS A 313 -8.34 4.53 11.82
CA LYS A 313 -9.36 5.51 12.18
C LYS A 313 -9.08 6.85 11.47
N GLN A 314 -7.80 7.20 11.37
CA GLN A 314 -7.44 8.45 10.71
C GLN A 314 -7.90 8.41 9.25
N PHE A 315 -7.71 7.28 8.57
CA PHE A 315 -8.16 7.19 7.19
C PHE A 315 -9.67 7.37 7.12
N ILE A 316 -10.39 6.79 8.08
CA ILE A 316 -11.83 6.92 8.08
C ILE A 316 -12.18 8.40 8.12
N GLU A 317 -11.57 9.12 9.05
CA GLU A 317 -11.83 10.54 9.18
C GLU A 317 -11.52 11.29 7.87
N GLU A 318 -10.33 11.11 7.32
CA GLU A 318 -10.00 11.83 6.10
C GLU A 318 -10.72 11.32 4.85
N ASN A 319 -11.39 10.17 4.96
CA ASN A 319 -12.16 9.66 3.83
C ASN A 319 -13.51 10.38 3.91
N ALA A 320 -13.86 10.78 5.13
CA ALA A 320 -15.10 11.51 5.36
C ALA A 320 -14.92 12.90 4.74
N GLU A 321 -13.71 13.46 4.89
CA GLU A 321 -13.41 14.78 4.33
C GLU A 321 -13.88 14.94 2.89
N LYS A 322 -13.46 14.01 2.03
CA LYS A 322 -13.87 14.06 0.63
C LYS A 322 -15.37 13.81 0.47
N MET B 1 2.54 8.88 -14.82
CA MET B 1 3.91 8.33 -14.96
C MET B 1 4.29 7.60 -13.69
N ARG B 2 4.74 6.36 -13.83
CA ARG B 2 5.13 5.55 -12.69
C ARG B 2 6.63 5.31 -12.74
N VAL B 3 7.29 5.48 -11.60
CA VAL B 3 8.72 5.29 -11.50
C VAL B 3 9.08 4.37 -10.34
N LEU B 4 10.00 3.45 -10.58
CA LEU B 4 10.47 2.53 -9.55
C LEU B 4 11.78 3.06 -9.00
N ILE B 5 11.85 3.19 -7.69
CA ILE B 5 13.04 3.69 -7.03
C ILE B 5 13.83 2.58 -6.37
N VAL B 6 15.12 2.51 -6.68
CA VAL B 6 15.96 1.52 -6.05
C VAL B 6 16.90 2.26 -5.11
N LYS B 7 16.57 2.21 -3.82
CA LYS B 7 17.33 2.88 -2.76
C LYS B 7 17.00 2.08 -1.51
N THR B 8 17.81 1.06 -1.25
CA THR B 8 17.57 0.15 -0.16
C THR B 8 18.26 0.30 1.17
N SER B 9 19.56 0.55 1.13
CA SER B 9 20.32 0.59 2.35
C SER B 9 20.75 1.88 2.99
N SER B 10 20.74 1.78 4.32
CA SER B 10 21.07 2.83 5.24
C SER B 10 19.80 3.62 5.40
N MET B 11 19.34 3.68 6.65
CA MET B 11 18.13 4.43 6.95
C MET B 11 18.37 5.83 6.43
N GLY B 12 19.56 6.36 6.72
CA GLY B 12 19.90 7.70 6.29
C GLY B 12 19.83 7.87 4.79
N ASP B 13 20.46 6.96 4.05
CA ASP B 13 20.45 7.06 2.60
C ASP B 13 19.05 7.07 2.02
N VAL B 14 18.13 6.32 2.63
CA VAL B 14 16.76 6.27 2.16
C VAL B 14 16.09 7.63 2.40
N LEU B 15 16.25 8.15 3.61
CA LEU B 15 15.68 9.43 3.98
C LEU B 15 16.10 10.55 3.04
N HIS B 16 17.38 10.57 2.68
CA HIS B 16 17.96 11.59 1.81
C HIS B 16 17.43 11.57 0.39
N THR B 17 16.72 10.51 0.02
CA THR B 17 16.16 10.38 -1.32
C THR B 17 14.82 11.11 -1.43
N LEU B 18 14.12 11.22 -0.30
CA LEU B 18 12.79 11.84 -0.21
C LEU B 18 12.62 13.19 -0.93
N PRO B 19 13.58 14.12 -0.75
CA PRO B 19 13.49 15.43 -1.39
C PRO B 19 13.45 15.35 -2.92
N ALA B 20 14.15 14.36 -3.49
CA ALA B 20 14.15 14.20 -4.94
C ALA B 20 12.70 13.96 -5.37
N LEU B 21 12.01 13.04 -4.71
CA LEU B 21 10.62 12.73 -5.00
C LEU B 21 9.74 13.98 -4.93
N THR B 22 10.02 14.84 -3.96
CA THR B 22 9.23 16.06 -3.79
C THR B 22 9.44 16.97 -5.00
N ASP B 23 10.68 17.08 -5.49
CA ASP B 23 10.94 17.89 -6.67
C ASP B 23 10.11 17.33 -7.82
N ALA B 24 10.18 16.01 -7.98
CA ALA B 24 9.48 15.29 -9.03
C ALA B 24 7.97 15.45 -8.99
N GLN B 25 7.39 15.47 -7.79
CA GLN B 25 5.95 15.58 -7.63
C GLN B 25 5.45 16.94 -8.08
N GLN B 26 6.26 17.98 -7.83
CA GLN B 26 5.90 19.34 -8.17
C GLN B 26 6.02 19.58 -9.65
N ALA B 27 7.03 18.99 -10.26
CA ALA B 27 7.26 19.14 -11.69
C ALA B 27 6.31 18.29 -12.53
N ILE B 28 6.08 17.07 -12.07
CA ILE B 28 5.22 16.13 -12.77
C ILE B 28 4.06 15.69 -11.87
N PRO B 29 2.99 16.49 -11.81
CA PRO B 29 1.85 16.12 -10.94
C PRO B 29 1.38 14.71 -11.25
N GLY B 30 0.87 14.03 -10.24
CA GLY B 30 0.40 12.67 -10.46
C GLY B 30 1.48 11.62 -10.65
N ILE B 31 2.74 12.03 -10.70
CA ILE B 31 3.80 11.03 -10.83
C ILE B 31 3.74 10.20 -9.56
N LYS B 32 3.85 8.88 -9.69
CA LYS B 32 3.80 8.02 -8.54
C LYS B 32 5.06 7.16 -8.46
N PHE B 33 5.56 6.94 -7.25
CA PHE B 33 6.76 6.14 -7.06
C PHE B 33 6.57 4.86 -6.25
N ASP B 34 7.21 3.79 -6.73
CA ASP B 34 7.23 2.50 -6.05
C ASP B 34 8.67 2.46 -5.56
N TRP B 35 8.94 1.79 -4.45
CA TRP B 35 10.30 1.84 -3.88
C TRP B 35 10.82 0.54 -3.31
N VAL B 36 11.92 0.05 -3.87
CA VAL B 36 12.54 -1.16 -3.36
C VAL B 36 13.43 -0.73 -2.19
N VAL B 37 13.13 -1.22 -0.99
CA VAL B 37 13.91 -0.82 0.18
C VAL B 37 14.14 -1.98 1.14
N GLU B 38 15.23 -1.93 1.91
CA GLU B 38 15.52 -2.99 2.88
C GLU B 38 14.30 -3.07 3.78
N GLU B 39 13.98 -4.29 4.22
CA GLU B 39 12.82 -4.51 5.09
C GLU B 39 12.87 -3.64 6.36
N GLY B 40 14.05 -3.52 6.95
CA GLY B 40 14.17 -2.71 8.16
C GLY B 40 13.71 -1.28 8.04
N PHE B 41 13.77 -0.71 6.85
CA PHE B 41 13.39 0.68 6.65
C PHE B 41 12.16 0.88 5.76
N ALA B 42 11.41 -0.19 5.51
CA ALA B 42 10.24 -0.12 4.63
C ALA B 42 9.20 0.93 5.00
N GLN B 43 9.08 1.24 6.27
CA GLN B 43 8.12 2.24 6.73
C GLN B 43 8.34 3.63 6.15
N ILE B 44 9.59 4.05 6.12
CA ILE B 44 9.97 5.38 5.66
C ILE B 44 9.34 5.89 4.36
N PRO B 45 9.55 5.20 3.23
CA PRO B 45 8.97 5.67 1.97
C PRO B 45 7.47 5.98 1.97
N SER B 46 6.68 5.18 2.69
CA SER B 46 5.23 5.40 2.72
C SER B 46 4.79 6.71 3.37
N TRP B 47 5.70 7.38 4.08
CA TRP B 47 5.33 8.64 4.72
C TRP B 47 5.25 9.77 3.71
N HIS B 48 5.78 9.52 2.51
CA HIS B 48 5.78 10.52 1.45
C HIS B 48 4.57 10.31 0.55
N ALA B 49 3.86 11.40 0.27
CA ALA B 49 2.63 11.36 -0.54
C ALA B 49 2.78 10.79 -1.95
N ALA B 50 3.98 10.79 -2.52
CA ALA B 50 4.13 10.29 -3.88
C ALA B 50 4.49 8.80 -3.94
N VAL B 51 4.72 8.20 -2.78
CA VAL B 51 5.07 6.79 -2.77
C VAL B 51 3.81 5.92 -2.73
N GLU B 52 3.84 4.82 -3.45
CA GLU B 52 2.71 3.90 -3.44
C GLU B 52 3.16 2.53 -2.96
N ARG B 53 3.64 1.69 -3.86
CA ARG B 53 4.06 0.35 -3.45
C ARG B 53 5.51 0.27 -3.00
N VAL B 54 5.71 -0.14 -1.75
CA VAL B 54 7.05 -0.32 -1.23
C VAL B 54 7.29 -1.81 -1.42
N ILE B 55 8.43 -2.14 -2.01
CA ILE B 55 8.77 -3.53 -2.28
C ILE B 55 9.97 -3.91 -1.41
N PRO B 56 9.71 -4.51 -0.24
CA PRO B 56 10.76 -4.91 0.70
C PRO B 56 11.73 -5.91 0.10
N VAL B 57 13.01 -5.68 0.36
CA VAL B 57 14.08 -6.55 -0.11
C VAL B 57 14.87 -6.93 1.14
N ALA B 58 15.56 -8.08 1.12
CA ALA B 58 16.32 -8.50 2.28
C ALA B 58 17.66 -9.08 1.88
N ILE B 59 18.34 -8.39 0.96
CA ILE B 59 19.63 -8.82 0.46
C ILE B 59 20.63 -9.19 1.56
N ARG B 60 20.73 -8.34 2.58
CA ARG B 60 21.65 -8.59 3.68
C ARG B 60 21.34 -9.92 4.37
N ARG B 61 20.08 -10.09 4.75
CA ARG B 61 19.64 -11.31 5.44
C ARG B 61 19.84 -12.56 4.58
N TRP B 62 19.58 -12.43 3.28
CA TRP B 62 19.69 -13.54 2.35
C TRP B 62 21.09 -14.10 2.16
N ARG B 63 22.09 -13.28 2.37
CA ARG B 63 23.46 -13.73 2.18
C ARG B 63 23.88 -14.87 3.13
N LYS B 64 23.03 -15.17 4.12
CA LYS B 64 23.32 -16.23 5.08
C LYS B 64 23.01 -17.62 4.54
N ALA B 65 22.53 -17.67 3.30
CA ALA B 65 22.20 -18.94 2.67
C ALA B 65 22.24 -18.70 1.18
N TRP B 66 21.37 -17.80 0.74
CA TRP B 66 21.26 -17.42 -0.66
C TRP B 66 20.83 -18.55 -1.58
N PHE B 67 21.48 -19.71 -1.46
CA PHE B 67 21.13 -20.85 -2.30
C PHE B 67 20.35 -21.92 -1.54
N SER B 68 20.11 -21.69 -0.26
CA SER B 68 19.35 -22.64 0.55
C SER B 68 17.95 -22.66 -0.03
N ALA B 69 17.07 -23.51 0.50
CA ALA B 69 15.71 -23.59 -0.01
C ALA B 69 14.88 -22.34 0.28
N PRO B 70 14.78 -21.94 1.56
CA PRO B 70 13.99 -20.75 1.90
C PRO B 70 14.50 -19.46 1.26
N ILE B 71 15.73 -19.08 1.57
CA ILE B 71 16.32 -17.86 1.03
C ILE B 71 16.21 -17.83 -0.49
N LYS B 72 16.45 -19.00 -1.09
CA LYS B 72 16.38 -19.14 -2.54
C LYS B 72 14.96 -18.86 -3.01
N ALA B 73 14.00 -19.22 -2.17
CA ALA B 73 12.59 -19.03 -2.50
C ALA B 73 12.10 -17.60 -2.30
N GLU B 74 12.59 -16.91 -1.26
CA GLU B 74 12.15 -15.54 -1.04
C GLU B 74 12.60 -14.69 -2.22
N ARG B 75 13.83 -14.93 -2.66
CA ARG B 75 14.41 -14.20 -3.78
C ARG B 75 13.55 -14.38 -5.03
N LYS B 76 13.16 -15.62 -5.30
CA LYS B 76 12.31 -15.90 -6.46
C LYS B 76 11.02 -15.07 -6.33
N ALA B 77 10.42 -15.08 -5.14
CA ALA B 77 9.19 -14.34 -4.89
C ALA B 77 9.40 -12.83 -5.03
N PHE B 78 10.49 -12.34 -4.47
CA PHE B 78 10.79 -10.92 -4.55
C PHE B 78 10.89 -10.48 -6.01
N ARG B 79 11.59 -11.27 -6.81
CA ARG B 79 11.77 -10.97 -8.23
C ARG B 79 10.46 -10.87 -8.96
N GLU B 80 9.50 -11.71 -8.58
CA GLU B 80 8.19 -11.69 -9.20
C GLU B 80 7.48 -10.42 -8.78
N ALA B 81 7.66 -10.05 -7.52
CA ALA B 81 7.05 -8.84 -6.97
C ALA B 81 7.71 -7.62 -7.60
N LEU B 82 9.02 -7.72 -7.81
CA LEU B 82 9.77 -6.62 -8.42
C LEU B 82 9.32 -6.37 -9.86
N GLN B 83 9.17 -7.45 -10.61
CA GLN B 83 8.78 -7.39 -12.01
C GLN B 83 7.27 -7.38 -12.27
N ALA B 84 6.48 -7.04 -11.25
CA ALA B 84 5.04 -7.03 -11.41
C ALA B 84 4.53 -5.92 -12.32
N LYS B 85 5.28 -4.82 -12.41
CA LYS B 85 4.85 -3.70 -13.25
C LYS B 85 5.92 -3.23 -14.23
N ASN B 86 5.48 -2.52 -15.27
CA ASN B 86 6.36 -1.95 -16.28
C ASN B 86 6.42 -0.45 -16.00
N TYR B 87 7.51 -0.01 -15.39
CA TYR B 87 7.69 1.41 -15.04
C TYR B 87 8.18 2.27 -16.20
N ASP B 88 7.82 3.55 -16.15
CA ASP B 88 8.22 4.49 -17.18
C ASP B 88 9.69 4.84 -16.92
N ALA B 89 10.16 4.51 -15.72
CA ALA B 89 11.55 4.76 -15.34
C ALA B 89 11.91 4.06 -14.05
N VAL B 90 13.08 3.43 -14.07
CA VAL B 90 13.61 2.75 -12.89
C VAL B 90 14.81 3.61 -12.54
N ILE B 91 14.81 4.18 -11.34
CA ILE B 91 15.90 5.05 -10.92
C ILE B 91 16.70 4.45 -9.77
N ASP B 92 17.93 4.04 -10.08
CA ASP B 92 18.82 3.47 -9.08
C ASP B 92 19.59 4.62 -8.45
N ALA B 93 19.20 5.00 -7.24
CA ALA B 93 19.86 6.09 -6.53
C ALA B 93 20.91 5.55 -5.55
N GLN B 94 21.15 4.25 -5.60
CA GLN B 94 22.11 3.61 -4.71
C GLN B 94 23.49 3.52 -5.37
N GLY B 95 23.51 3.10 -6.63
CA GLY B 95 24.77 2.99 -7.34
C GLY B 95 25.73 1.96 -6.79
N LEU B 96 25.19 0.85 -6.28
CA LEU B 96 26.01 -0.23 -5.74
C LEU B 96 25.80 -1.46 -6.61
N VAL B 97 26.86 -2.23 -6.83
CA VAL B 97 26.76 -3.42 -7.65
C VAL B 97 25.69 -4.40 -7.16
N LYS B 98 25.68 -4.66 -5.86
CA LYS B 98 24.72 -5.61 -5.30
C LYS B 98 23.27 -5.30 -5.67
N SER B 99 22.81 -4.10 -5.34
CA SER B 99 21.44 -3.73 -5.64
C SER B 99 21.20 -3.42 -7.11
N ALA B 100 22.25 -3.11 -7.86
CA ALA B 100 22.08 -2.84 -9.27
C ALA B 100 21.86 -4.15 -10.00
N ALA B 101 22.59 -5.17 -9.60
CA ALA B 101 22.51 -6.49 -10.23
C ALA B 101 21.32 -7.30 -9.73
N LEU B 102 21.02 -7.18 -8.46
CA LEU B 102 19.93 -7.92 -7.86
C LEU B 102 18.59 -7.21 -8.00
N VAL B 103 18.60 -5.91 -8.26
CA VAL B 103 17.34 -5.19 -8.36
C VAL B 103 17.05 -4.43 -9.65
N THR B 104 17.62 -3.25 -9.80
CA THR B 104 17.35 -2.44 -10.98
C THR B 104 17.55 -3.15 -12.32
N ARG B 105 18.52 -4.04 -12.38
CA ARG B 105 18.79 -4.79 -13.61
C ARG B 105 17.65 -5.75 -13.98
N LEU B 106 16.87 -6.15 -12.99
CA LEU B 106 15.78 -7.10 -13.20
C LEU B 106 14.41 -6.43 -13.37
N ALA B 107 14.33 -5.16 -13.03
CA ALA B 107 13.06 -4.45 -13.15
C ALA B 107 12.71 -4.20 -14.60
N HIS B 108 11.42 -3.98 -14.87
CA HIS B 108 10.98 -3.69 -16.21
C HIS B 108 10.89 -2.19 -16.37
N GLY B 109 11.59 -1.67 -17.37
CA GLY B 109 11.58 -0.24 -17.62
C GLY B 109 12.97 0.32 -17.85
N VAL B 110 13.02 1.55 -18.39
CA VAL B 110 14.26 2.24 -18.65
C VAL B 110 14.98 2.53 -17.35
N LYS B 111 16.15 1.92 -17.20
CA LYS B 111 16.98 2.05 -16.00
C LYS B 111 17.91 3.27 -15.99
N HIS B 112 17.78 4.08 -14.94
CA HIS B 112 18.58 5.29 -14.74
C HIS B 112 19.47 5.09 -13.52
N GLY B 113 20.71 5.56 -13.65
CA GLY B 113 21.67 5.45 -12.57
C GLY B 113 22.86 6.34 -12.88
N MET B 114 23.79 6.42 -11.94
CA MET B 114 24.97 7.25 -12.14
C MET B 114 25.98 6.54 -13.05
N ASP B 115 26.76 7.34 -13.78
CA ASP B 115 27.76 6.82 -14.69
C ASP B 115 28.98 6.32 -13.94
N TRP B 116 29.95 5.82 -14.69
CA TRP B 116 31.17 5.27 -14.14
C TRP B 116 31.91 6.24 -13.21
N GLN B 117 31.99 7.50 -13.61
CA GLN B 117 32.70 8.50 -12.83
C GLN B 117 32.02 8.93 -11.53
N THR B 118 30.71 8.75 -11.43
CA THR B 118 30.04 9.20 -10.22
C THR B 118 29.33 8.17 -9.34
N ALA B 119 29.07 6.97 -9.84
CA ALA B 119 28.41 5.94 -9.02
C ALA B 119 29.28 5.60 -7.82
N ARG B 120 28.67 5.26 -6.68
CA ARG B 120 29.48 4.92 -5.50
C ARG B 120 30.40 3.75 -5.84
N GLU B 121 29.92 2.83 -6.67
CA GLU B 121 30.69 1.68 -7.13
C GLU B 121 30.56 1.71 -8.66
N PRO B 122 31.57 2.26 -9.35
CA PRO B 122 31.63 2.39 -10.80
C PRO B 122 31.00 1.28 -11.63
N LEU B 123 31.27 0.02 -11.27
CA LEU B 123 30.73 -1.11 -12.04
C LEU B 123 29.21 -1.15 -12.11
N ALA B 124 28.53 -0.55 -11.14
CA ALA B 124 27.08 -0.55 -11.13
C ALA B 124 26.52 0.17 -12.35
N SER B 125 27.32 1.07 -12.92
CA SER B 125 26.89 1.85 -14.08
C SER B 125 26.67 0.97 -15.30
N LEU B 126 27.30 -0.20 -15.31
CA LEU B 126 27.17 -1.12 -16.43
C LEU B 126 25.77 -1.70 -16.54
N PHE B 127 24.97 -1.51 -15.49
CA PHE B 127 23.61 -2.05 -15.45
C PHE B 127 22.54 -1.06 -15.83
N TYR B 128 22.92 0.17 -16.18
CA TYR B 128 21.90 1.16 -16.54
C TYR B 128 21.75 1.46 -18.03
N ASN B 129 20.58 1.95 -18.41
CA ASN B 129 20.30 2.32 -19.78
C ASN B 129 20.73 3.78 -19.96
N ARG B 130 20.39 4.59 -18.97
CA ARG B 130 20.71 6.01 -18.97
C ARG B 130 21.73 6.25 -17.86
N LYS B 131 22.95 6.59 -18.24
CA LYS B 131 23.97 6.87 -17.25
C LYS B 131 23.95 8.39 -17.09
N HIS B 132 23.93 8.86 -15.85
CA HIS B 132 23.91 10.28 -15.59
C HIS B 132 25.14 10.67 -14.77
N HIS B 133 25.71 11.82 -15.10
CA HIS B 133 26.87 12.31 -14.39
C HIS B 133 26.40 13.21 -13.25
N ILE B 134 26.54 12.71 -12.02
CA ILE B 134 26.14 13.45 -10.84
C ILE B 134 27.40 13.76 -10.02
N ALA B 135 27.83 15.02 -10.04
CA ALA B 135 29.02 15.45 -9.30
C ALA B 135 29.02 14.91 -7.89
N LYS B 136 30.16 14.36 -7.46
CA LYS B 136 30.30 13.76 -6.15
C LYS B 136 30.30 14.70 -4.95
N GLN B 137 30.89 15.88 -5.09
CA GLN B 137 30.97 16.79 -3.96
C GLN B 137 29.75 17.63 -3.64
N GLN B 138 28.61 16.98 -3.45
CA GLN B 138 27.39 17.68 -3.08
C GLN B 138 26.81 16.77 -2.03
N HIS B 139 25.88 17.29 -1.24
CA HIS B 139 25.26 16.45 -0.23
C HIS B 139 24.42 15.37 -0.94
N ALA B 140 24.38 14.19 -0.33
CA ALA B 140 23.62 13.06 -0.85
C ALA B 140 22.25 13.51 -1.38
N VAL B 141 21.58 14.35 -0.59
CA VAL B 141 20.27 14.88 -0.94
C VAL B 141 20.26 15.60 -2.27
N GLU B 142 21.25 16.46 -2.51
CA GLU B 142 21.34 17.21 -3.76
C GLU B 142 21.70 16.31 -4.94
N ARG B 143 22.57 15.34 -4.71
CA ARG B 143 22.97 14.43 -5.78
C ARG B 143 21.75 13.65 -6.28
N THR B 144 20.93 13.19 -5.34
CA THR B 144 19.71 12.44 -5.67
C THR B 144 18.69 13.32 -6.41
N ARG B 145 18.54 14.57 -6.01
CA ARG B 145 17.59 15.45 -6.70
C ARG B 145 18.03 15.65 -8.15
N GLU B 146 19.33 15.82 -8.35
CA GLU B 146 19.88 16.03 -9.68
C GLU B 146 19.64 14.77 -10.51
N LEU B 147 19.86 13.61 -9.89
CA LEU B 147 19.64 12.35 -10.58
C LEU B 147 18.18 12.24 -11.03
N PHE B 148 17.26 12.62 -10.16
CA PHE B 148 15.84 12.57 -10.49
C PHE B 148 15.46 13.55 -11.60
N ALA B 149 15.94 14.77 -11.50
CA ALA B 149 15.66 15.78 -12.50
C ALA B 149 16.17 15.29 -13.87
N LYS B 150 17.44 14.87 -13.91
CA LYS B 150 18.02 14.40 -15.16
C LYS B 150 17.36 13.13 -15.68
N SER B 151 16.85 12.29 -14.78
CA SER B 151 16.21 11.05 -15.20
C SER B 151 14.77 11.26 -15.68
N LEU B 152 14.10 12.26 -15.11
CA LEU B 152 12.71 12.51 -15.43
C LEU B 152 12.43 13.68 -16.36
N GLY B 153 13.49 14.35 -16.79
CA GLY B 153 13.31 15.46 -17.72
C GLY B 153 12.77 16.78 -17.19
N TYR B 154 13.24 17.20 -16.02
CA TYR B 154 12.83 18.49 -15.49
C TYR B 154 14.06 19.08 -14.82
N SER B 155 14.06 20.40 -14.71
CA SER B 155 15.16 21.13 -14.11
C SER B 155 15.04 21.06 -12.59
N LYS B 156 16.15 20.75 -11.91
CA LYS B 156 16.15 20.67 -10.47
C LYS B 156 15.95 22.07 -9.89
N PRO B 157 14.99 22.21 -8.96
CA PRO B 157 14.67 23.50 -8.30
C PRO B 157 15.86 24.04 -7.51
N GLN B 158 15.91 25.35 -7.33
CA GLN B 158 17.00 25.94 -6.56
C GLN B 158 16.62 25.98 -5.09
N THR B 159 15.33 25.80 -4.81
CA THR B 159 14.85 25.82 -3.44
C THR B 159 15.47 24.69 -2.63
N GLN B 160 15.34 24.79 -1.30
CA GLN B 160 15.87 23.80 -0.39
C GLN B 160 15.14 22.47 -0.52
N GLY B 161 15.89 21.38 -0.46
CA GLY B 161 15.28 20.07 -0.54
C GLY B 161 14.25 19.95 0.57
N ASP B 162 13.06 19.53 0.21
CA ASP B 162 11.98 19.37 1.18
C ASP B 162 11.63 17.89 1.25
N TYR B 163 11.92 17.27 2.39
CA TYR B 163 11.65 15.85 2.59
C TYR B 163 10.17 15.54 2.50
N ALA B 164 9.35 16.51 2.91
CA ALA B 164 7.89 16.37 2.88
C ALA B 164 7.31 15.16 3.59
N ILE B 165 7.86 14.80 4.75
CA ILE B 165 7.28 13.67 5.47
C ILE B 165 6.64 14.13 6.77
N ALA B 166 6.92 15.37 7.16
CA ALA B 166 6.35 15.90 8.39
C ALA B 166 4.83 16.02 8.28
N GLN B 167 4.33 16.21 7.07
CA GLN B 167 2.90 16.35 6.83
C GLN B 167 2.16 15.07 7.19
N HIS B 168 2.91 13.98 7.20
CA HIS B 168 2.36 12.67 7.51
C HIS B 168 2.10 12.52 9.00
N PHE B 169 2.78 13.35 9.79
CA PHE B 169 2.62 13.28 11.24
C PHE B 169 1.90 14.46 11.86
N LEU B 170 1.56 15.46 11.05
CA LEU B 170 0.89 16.64 11.58
C LEU B 170 -0.46 16.31 12.21
N THR B 171 -1.37 15.77 11.42
CA THR B 171 -2.70 15.41 11.91
C THR B 171 -2.68 14.73 13.28
N ASN B 172 -1.67 13.89 13.50
CA ASN B 172 -1.55 13.13 14.73
C ASN B 172 -0.35 13.47 15.60
N LEU B 173 0.02 14.75 15.67
CA LEU B 173 1.16 15.12 16.49
C LEU B 173 0.87 14.84 17.95
N PRO B 174 1.92 14.53 18.74
CA PRO B 174 1.69 14.26 20.16
C PRO B 174 1.14 15.50 20.86
N THR B 175 0.25 15.29 21.82
CA THR B 175 -0.38 16.39 22.55
C THR B 175 0.61 17.30 23.26
N ASP B 176 1.69 16.72 23.79
CA ASP B 176 2.70 17.51 24.48
C ASP B 176 3.80 18.01 23.55
N ALA B 177 3.49 18.11 22.25
CA ALA B 177 4.46 18.57 21.28
C ALA B 177 5.07 19.89 21.73
N GLY B 178 6.36 20.06 21.47
CA GLY B 178 7.03 21.29 21.83
C GLY B 178 7.45 21.45 23.30
N GLU B 179 6.84 20.68 24.19
CA GLU B 179 7.22 20.83 25.58
C GLU B 179 8.31 19.85 25.99
N TYR B 180 8.95 19.23 25.00
CA TYR B 180 10.01 18.27 25.30
C TYR B 180 11.10 18.17 24.24
N ALA B 181 12.20 17.58 24.64
CA ALA B 181 13.34 17.35 23.77
C ALA B 181 13.53 15.84 23.74
N VAL B 182 14.19 15.35 22.68
CA VAL B 182 14.46 13.94 22.54
C VAL B 182 15.98 13.77 22.47
N PHE B 183 16.47 12.76 23.17
CA PHE B 183 17.89 12.45 23.21
C PHE B 183 18.14 11.08 22.58
N LEU B 184 18.78 11.09 21.41
CA LEU B 184 19.10 9.87 20.71
C LEU B 184 20.47 9.41 21.14
N HIS B 185 20.49 8.51 22.12
CA HIS B 185 21.71 7.98 22.71
C HIS B 185 22.17 6.65 22.13
N ALA B 186 21.31 6.00 21.35
CA ALA B 186 21.63 4.72 20.78
C ALA B 186 22.30 4.70 19.41
N THR B 187 23.37 3.92 19.30
CA THR B 187 24.11 3.76 18.06
C THR B 187 24.85 2.43 18.16
N THR B 188 25.65 2.06 17.15
CA THR B 188 26.33 0.76 17.21
C THR B 188 27.74 0.67 17.79
N ARG B 189 28.75 1.18 17.09
CA ARG B 189 30.10 1.05 17.63
C ARG B 189 30.38 1.99 18.78
N ASP B 190 31.18 1.47 19.70
CA ASP B 190 31.54 2.16 20.92
C ASP B 190 32.05 3.59 20.79
N ASP B 191 32.95 3.84 19.86
CA ASP B 191 33.50 5.17 19.69
C ASP B 191 32.50 6.22 19.19
N LYS B 192 31.30 5.78 18.81
CA LYS B 192 30.27 6.70 18.35
C LYS B 192 29.33 7.11 19.49
N HIS B 193 29.40 6.39 20.61
CA HIS B 193 28.56 6.69 21.77
C HIS B 193 29.07 7.87 22.57
N TRP B 194 28.14 8.58 23.20
CA TRP B 194 28.51 9.68 24.05
C TRP B 194 28.33 9.02 25.41
N PRO B 195 29.39 8.96 26.23
CA PRO B 195 29.28 8.34 27.56
C PRO B 195 28.01 8.62 28.35
N GLU B 196 27.50 7.59 29.04
CA GLU B 196 26.29 7.70 29.85
C GLU B 196 26.45 8.83 30.86
N GLU B 197 27.66 8.97 31.37
CA GLU B 197 28.00 10.00 32.35
C GLU B 197 27.73 11.42 31.81
N HIS B 198 28.01 11.64 30.53
CA HIS B 198 27.79 12.94 29.93
C HIS B 198 26.33 13.16 29.59
N TRP B 199 25.63 12.11 29.16
CA TRP B 199 24.21 12.26 28.85
C TRP B 199 23.52 12.64 30.15
N ARG B 200 23.96 12.02 31.24
CA ARG B 200 23.37 12.26 32.53
C ARG B 200 23.61 13.67 33.03
N GLU B 201 24.82 14.17 32.86
CA GLU B 201 25.12 15.53 33.29
C GLU B 201 24.32 16.55 32.46
N LEU B 202 24.17 16.29 31.16
CA LEU B 202 23.43 17.20 30.28
C LEU B 202 21.98 17.22 30.73
N ILE B 203 21.43 16.04 31.01
CA ILE B 203 20.07 15.94 31.49
C ILE B 203 19.98 16.74 32.79
N GLY B 204 20.97 16.54 33.66
CA GLY B 204 20.98 17.24 34.93
C GLY B 204 21.06 18.75 34.77
N LEU B 205 21.80 19.22 33.77
CA LEU B 205 21.94 20.65 33.54
C LEU B 205 20.62 21.29 33.13
N LEU B 206 19.67 20.47 32.70
CA LEU B 206 18.39 20.98 32.25
C LEU B 206 17.27 20.71 33.24
N ALA B 207 17.63 20.19 34.40
CA ALA B 207 16.63 19.87 35.41
C ALA B 207 15.66 21.00 35.78
N ASP B 208 16.17 22.21 36.01
CA ASP B 208 15.30 23.32 36.39
C ASP B 208 14.68 24.13 35.27
N SER B 209 15.11 23.90 34.04
CA SER B 209 14.58 24.63 32.89
C SER B 209 13.05 24.47 32.77
N GLY B 210 12.55 23.29 33.13
CA GLY B 210 11.14 23.02 33.03
C GLY B 210 10.85 22.19 31.80
N ILE B 211 11.91 21.82 31.09
CA ILE B 211 11.77 21.02 29.88
C ILE B 211 11.66 19.54 30.25
N ARG B 212 11.00 18.78 29.40
CA ARG B 212 10.86 17.35 29.60
C ARG B 212 11.73 16.69 28.54
N ILE B 213 12.22 15.48 28.83
CA ILE B 213 13.08 14.76 27.91
C ILE B 213 12.64 13.31 27.74
N LYS B 214 12.58 12.86 26.49
CA LYS B 214 12.15 11.50 26.20
C LYS B 214 13.31 10.71 25.61
N LEU B 215 13.47 9.49 26.09
CA LEU B 215 14.55 8.64 25.61
C LEU B 215 14.07 7.40 24.85
N PRO B 216 14.37 7.34 23.54
CA PRO B 216 13.98 6.20 22.70
C PRO B 216 15.04 5.10 22.75
N TRP B 217 14.70 3.93 22.22
CA TRP B 217 15.63 2.80 22.22
C TRP B 217 15.21 1.67 21.28
N GLY B 218 16.20 0.93 20.78
CA GLY B 218 15.93 -0.17 19.87
C GLY B 218 16.12 -1.53 20.54
N ALA B 219 17.29 -1.75 21.11
CA ALA B 219 17.60 -3.02 21.78
C ALA B 219 17.49 -2.90 23.30
N PRO B 220 17.25 -4.04 23.97
CA PRO B 220 17.11 -4.09 25.44
C PRO B 220 18.26 -3.44 26.21
N HIS B 221 19.48 -3.53 25.72
CA HIS B 221 20.59 -2.91 26.44
C HIS B 221 20.53 -1.40 26.32
N GLU B 222 19.80 -0.91 25.32
CA GLU B 222 19.65 0.54 25.12
C GLU B 222 18.54 1.03 26.05
N GLU B 223 17.60 0.15 26.38
CA GLU B 223 16.53 0.50 27.28
C GLU B 223 17.13 0.61 28.68
N GLU B 224 17.94 -0.36 29.06
CA GLU B 224 18.57 -0.34 30.38
C GLU B 224 19.42 0.92 30.53
N ARG B 225 20.06 1.36 29.44
CA ARG B 225 20.85 2.57 29.51
C ARG B 225 19.90 3.76 29.63
N ALA B 226 18.79 3.71 28.90
CA ALA B 226 17.81 4.79 28.97
C ALA B 226 17.29 4.96 30.40
N LYS B 227 16.96 3.86 31.04
CA LYS B 227 16.47 3.91 32.41
C LYS B 227 17.53 4.52 33.31
N ARG B 228 18.77 4.10 33.14
CA ARG B 228 19.85 4.66 33.96
C ARG B 228 19.97 6.16 33.72
N LEU B 229 19.88 6.59 32.47
CA LEU B 229 19.97 8.02 32.16
C LEU B 229 18.81 8.74 32.81
N ALA B 230 17.66 8.07 32.90
CA ALA B 230 16.47 8.69 33.46
C ALA B 230 16.33 8.63 34.98
N GLU B 231 17.00 7.68 35.61
CA GLU B 231 16.89 7.53 37.06
C GLU B 231 17.11 8.81 37.85
N GLY B 232 16.18 9.09 38.75
CA GLY B 232 16.26 10.27 39.59
C GLY B 232 15.90 11.57 38.94
N PHE B 233 15.41 11.51 37.70
CA PHE B 233 15.02 12.70 36.95
C PHE B 233 13.57 12.51 36.51
N ALA B 234 12.65 13.04 37.30
CA ALA B 234 11.22 12.91 36.99
C ALA B 234 10.78 13.61 35.71
N TYR B 235 11.57 14.55 35.21
CA TYR B 235 11.21 15.26 33.97
C TYR B 235 11.63 14.50 32.71
N VAL B 236 12.28 13.36 32.89
CA VAL B 236 12.74 12.52 31.79
C VAL B 236 11.94 11.22 31.77
N GLU B 237 11.53 10.77 30.59
CA GLU B 237 10.81 9.52 30.53
C GLU B 237 11.41 8.59 29.50
N VAL B 238 11.32 7.30 29.78
CA VAL B 238 11.81 6.30 28.86
C VAL B 238 10.62 5.91 27.99
N LEU B 239 10.79 6.03 26.69
CA LEU B 239 9.72 5.67 25.77
C LEU B 239 9.55 4.15 25.75
N PRO B 240 8.32 3.68 25.49
CA PRO B 240 8.06 2.24 25.45
C PRO B 240 8.66 1.74 24.13
N LYS B 241 8.53 0.46 23.85
CA LYS B 241 9.06 -0.05 22.58
C LYS B 241 8.18 0.54 21.48
N MET B 242 8.81 1.12 20.46
CA MET B 242 8.05 1.72 19.37
C MET B 242 8.61 1.38 18.00
N SER B 243 7.73 1.33 17.02
CA SER B 243 8.14 1.04 15.64
C SER B 243 8.86 2.27 15.12
N LEU B 244 9.37 2.18 13.91
CA LEU B 244 10.09 3.29 13.32
C LEU B 244 9.15 4.48 13.09
N GLU B 245 7.87 4.22 12.87
CA GLU B 245 6.92 5.29 12.65
C GLU B 245 6.55 5.90 13.99
N GLY B 246 6.53 5.07 15.03
CA GLY B 246 6.19 5.55 16.35
C GLY B 246 7.21 6.54 16.88
N VAL B 247 8.48 6.20 16.74
CA VAL B 247 9.56 7.06 17.19
C VAL B 247 9.64 8.31 16.33
N ALA B 248 9.14 8.22 15.10
CA ALA B 248 9.15 9.36 14.20
C ALA B 248 8.14 10.40 14.66
N ARG B 249 7.01 9.92 15.19
CA ARG B 249 5.96 10.80 15.67
C ARG B 249 6.50 11.59 16.85
N VAL B 250 7.25 10.91 17.71
CA VAL B 250 7.83 11.59 18.86
C VAL B 250 8.83 12.65 18.39
N LEU B 251 9.71 12.26 17.48
CA LEU B 251 10.69 13.19 16.96
C LEU B 251 9.98 14.39 16.32
N ALA B 252 8.92 14.12 15.57
CA ALA B 252 8.16 15.18 14.90
C ALA B 252 7.63 16.23 15.88
N GLY B 253 7.36 15.82 17.11
CA GLY B 253 6.83 16.74 18.11
C GLY B 253 7.86 17.26 19.11
N ALA B 254 9.14 16.98 18.87
CA ALA B 254 10.21 17.43 19.76
C ALA B 254 10.62 18.86 19.42
N LYS B 255 10.87 19.66 20.44
CA LYS B 255 11.27 21.05 20.21
C LYS B 255 12.66 21.04 19.57
N PHE B 256 13.52 20.18 20.09
CA PHE B 256 14.86 20.03 19.54
C PHE B 256 15.37 18.65 19.94
N VAL B 257 16.45 18.24 19.31
CA VAL B 257 17.02 16.92 19.59
C VAL B 257 18.51 17.00 19.74
N VAL B 258 19.04 16.09 20.56
CA VAL B 258 20.47 15.96 20.76
C VAL B 258 20.69 14.50 20.40
N SER B 259 21.69 14.21 19.57
CA SER B 259 21.88 12.84 19.15
C SER B 259 23.27 12.44 18.72
N VAL B 260 23.50 11.12 18.71
CA VAL B 260 24.74 10.54 18.25
C VAL B 260 24.55 10.36 16.74
N ASP B 261 25.63 10.08 16.02
CA ASP B 261 25.54 9.92 14.57
C ASP B 261 24.87 8.61 14.19
N THR B 262 23.54 8.63 14.09
CA THR B 262 22.76 7.44 13.75
C THR B 262 21.54 7.77 12.89
N GLY B 263 20.91 6.73 12.33
CA GLY B 263 19.76 6.89 11.47
C GLY B 263 18.63 7.77 11.96
N LEU B 264 18.21 7.58 13.20
CA LEU B 264 17.12 8.39 13.76
C LEU B 264 17.52 9.87 13.79
N SER B 265 18.81 10.15 13.69
CA SER B 265 19.25 11.53 13.68
C SER B 265 18.94 12.08 12.29
N HIS B 266 19.19 11.26 11.27
CA HIS B 266 18.90 11.68 9.91
C HIS B 266 17.38 11.82 9.80
N LEU B 267 16.67 10.97 10.53
CA LEU B 267 15.22 11.00 10.56
C LEU B 267 14.80 12.36 11.12
N THR B 268 15.47 12.77 12.18
CA THR B 268 15.16 14.05 12.81
C THR B 268 15.34 15.16 11.78
N ALA B 269 16.44 15.09 11.03
CA ALA B 269 16.70 16.09 10.01
C ALA B 269 15.58 16.04 8.98
N ALA B 270 15.22 14.84 8.55
CA ALA B 270 14.17 14.69 7.55
C ALA B 270 12.84 15.25 8.03
N LEU B 271 12.71 15.45 9.35
CA LEU B 271 11.49 15.98 9.93
C LEU B 271 11.57 17.48 10.18
N ASP B 272 12.67 18.07 9.76
CA ASP B 272 12.93 19.51 9.92
C ASP B 272 12.85 19.95 11.38
N ARG B 273 13.38 19.12 12.26
CA ARG B 273 13.41 19.39 13.69
C ARG B 273 14.83 19.79 14.09
N PRO B 274 14.98 20.89 14.84
CA PRO B 274 16.32 21.32 15.26
C PRO B 274 17.05 20.11 15.85
N ASN B 275 18.29 19.90 15.44
CA ASN B 275 19.05 18.74 15.87
C ASN B 275 20.54 18.99 16.11
N ILE B 276 21.01 18.57 17.28
CA ILE B 276 22.41 18.68 17.63
C ILE B 276 22.98 17.26 17.66
N THR B 277 23.81 16.93 16.68
CA THR B 277 24.42 15.61 16.58
C THR B 277 25.85 15.70 17.07
N VAL B 278 26.20 14.87 18.04
CA VAL B 278 27.56 14.86 18.58
C VAL B 278 28.40 13.82 17.85
N TYR B 279 29.49 14.27 17.24
CA TYR B 279 30.36 13.35 16.50
C TYR B 279 31.67 12.99 17.18
N GLY B 280 32.14 11.79 16.86
CA GLY B 280 33.40 11.30 17.36
C GLY B 280 34.24 11.07 16.12
N PRO B 281 34.54 9.81 15.80
CA PRO B 281 35.33 9.46 14.62
C PRO B 281 34.52 9.46 13.31
N THR B 282 33.35 10.08 13.32
CA THR B 282 32.53 10.12 12.11
C THR B 282 32.63 11.43 11.35
N ASP B 283 32.46 11.36 10.04
CA ASP B 283 32.56 12.54 9.15
C ASP B 283 31.17 13.01 8.66
N PRO B 284 30.84 14.30 8.89
CA PRO B 284 29.55 14.85 8.46
C PRO B 284 29.45 15.05 6.94
N TYR B 290 20.86 17.20 6.64
CA TYR B 290 20.91 18.11 5.50
C TYR B 290 20.18 19.43 5.72
N GLY B 291 20.87 20.53 5.41
CA GLY B 291 20.32 21.86 5.52
C GLY B 291 19.95 22.41 6.89
N LYS B 292 19.44 23.64 6.86
CA LYS B 292 19.01 24.39 8.04
C LYS B 292 18.47 23.53 9.19
N ASN B 293 18.77 23.95 10.43
CA ASN B 293 18.31 23.26 11.63
C ASN B 293 19.25 22.18 12.15
N GLN B 294 20.07 21.61 11.28
CA GLN B 294 20.99 20.55 11.69
C GLN B 294 22.35 21.10 12.11
N MET B 295 22.67 20.93 13.40
CA MET B 295 23.92 21.45 13.94
C MET B 295 24.96 20.38 14.29
N VAL B 296 26.19 20.67 13.91
CA VAL B 296 27.32 19.77 14.15
C VAL B 296 28.17 20.13 15.36
N CYS B 297 28.22 19.22 16.32
CA CYS B 297 29.00 19.42 17.52
C CYS B 297 30.12 18.39 17.53
N ARG B 298 31.32 18.84 17.22
CA ARG B 298 32.50 17.99 17.16
C ARG B 298 33.20 17.89 18.53
N ALA B 299 33.63 16.68 18.86
CA ALA B 299 34.32 16.43 20.12
C ALA B 299 35.80 16.78 20.04
N PRO B 300 36.40 17.18 21.17
CA PRO B 300 37.83 17.51 21.15
C PRO B 300 38.63 16.24 20.86
N GLY B 301 39.53 16.30 19.90
CA GLY B 301 40.31 15.12 19.55
C GLY B 301 39.47 14.08 18.83
N ASN B 302 38.26 14.47 18.47
CA ASN B 302 37.32 13.59 17.77
C ASN B 302 36.87 12.40 18.62
N GLU B 303 37.01 12.50 19.94
CA GLU B 303 36.55 11.41 20.78
C GLU B 303 35.56 11.92 21.83
N LEU B 304 34.33 11.45 21.68
CA LEU B 304 33.20 11.82 22.54
C LEU B 304 33.48 11.76 24.04
N SER B 305 34.47 10.95 24.43
CA SER B 305 34.85 10.83 25.83
C SER B 305 35.18 12.21 26.35
N GLN B 306 35.80 13.04 25.50
CA GLN B 306 36.22 14.38 25.87
C GLN B 306 35.19 15.48 25.67
N LEU B 307 34.01 15.14 25.16
CA LEU B 307 32.97 16.14 24.93
C LEU B 307 32.08 16.26 26.16
N THR B 308 32.29 17.31 26.95
CA THR B 308 31.50 17.51 28.16
C THR B 308 30.06 17.91 27.91
N ALA B 309 29.26 17.76 28.95
CA ALA B 309 27.85 18.14 28.90
C ALA B 309 27.78 19.67 28.80
N ASN B 310 28.58 20.36 29.59
CA ASN B 310 28.61 21.82 29.55
C ASN B 310 28.84 22.30 28.13
N ALA B 311 29.86 21.75 27.47
CA ALA B 311 30.20 22.13 26.11
C ALA B 311 29.03 21.90 25.15
N VAL B 312 28.31 20.80 25.35
CA VAL B 312 27.16 20.52 24.49
C VAL B 312 26.03 21.50 24.82
N LYS B 313 25.79 21.74 26.11
CA LYS B 313 24.74 22.68 26.48
C LYS B 313 25.07 24.06 25.91
N GLN B 314 26.31 24.51 26.10
CA GLN B 314 26.71 25.81 25.57
C GLN B 314 26.51 25.83 24.07
N PHE B 315 26.68 24.68 23.44
CA PHE B 315 26.49 24.60 22.00
C PHE B 315 25.02 24.86 21.67
N ILE B 316 24.14 24.17 22.37
CA ILE B 316 22.69 24.31 22.17
C ILE B 316 22.23 25.77 22.24
N GLU B 317 22.57 26.45 23.32
CA GLU B 317 22.21 27.84 23.52
C GLU B 317 22.84 28.69 22.43
N GLU B 318 24.12 28.44 22.20
CA GLU B 318 24.90 29.15 21.20
C GLU B 318 24.28 29.12 19.81
N ASN B 319 23.51 28.07 19.53
CA ASN B 319 22.88 27.92 18.22
C ASN B 319 21.36 28.01 18.25
N ALA B 320 20.82 28.63 19.29
CA ALA B 320 19.37 28.77 19.44
C ALA B 320 18.90 30.13 18.94
N9 AFH C . -17.89 -14.44 2.02
C8 AFH C . -18.36 -14.92 0.84
N7 AFH C . -19.67 -14.80 0.80
C5 AFH C . -20.09 -14.26 1.92
C6 AFH C . -21.35 -13.88 2.49
N6 AFH C . -22.46 -14.09 1.77
N1 AFH C . -21.43 -13.30 3.78
C2 AFH C . -20.30 -13.08 4.55
N3 AFH C . -19.07 -13.45 4.01
C4 AFH C . -18.92 -14.03 2.74
C1D AFH C . -16.45 -14.38 2.52
C2D AFH C . -15.78 -15.75 2.48
O2' AFH C . -16.16 -16.66 3.52
C3D AFH C . -14.32 -15.39 2.43
C4D AFH C . -14.33 -14.16 1.64
O4D AFH C . -15.64 -13.56 1.70
O3D AFH C . -13.75 -15.12 3.72
C5D AFH C . -13.85 -14.54 0.25
O5D AFH C . -12.39 -14.67 0.26
PA AFH C . -11.34 -13.76 -0.48
O1A AFH C . -10.12 -14.44 -0.65
O2A AFH C . -11.06 -12.51 0.23
O3A AFH C . -11.97 -13.63 -1.87
PB AFH C . -11.76 -12.83 -3.10
O1B AFH C . -11.58 -13.70 -4.30
O2B AFH C . -12.92 -12.00 -3.24
O3B AFH C . -10.50 -11.88 -2.69
C1' AFH C . -9.74 -11.42 -3.62
C2' AFH C . -9.50 -9.91 -3.49
C3' AFH C . -8.57 -9.47 -4.65
C4' AFH C . -7.25 -10.25 -4.48
C5' AFH C . -7.51 -11.79 -4.58
C6' AFH C . -6.24 -12.68 -4.40
C7' AFH C . -6.47 -14.22 -4.52
F AFH C . -10.73 -9.22 -3.56
O3' AFH C . -8.32 -8.06 -4.57
O4' AFH C . -6.32 -9.93 -5.49
O5' AFH C . -8.51 -12.20 -3.56
O6' AFH C . -5.66 -12.40 -3.12
O7' AFH C . -7.80 -14.65 -4.78
N9 AFH D . 17.24 1.99 16.22
C8 AFH D . 16.82 1.41 15.06
N7 AFH D . 15.51 1.46 14.96
C5 AFH D . 15.03 2.04 16.03
C6 AFH D . 13.72 2.39 16.51
N6 AFH D . 12.67 2.08 15.75
N1 AFH D . 13.56 3.05 17.77
C2 AFH D . 14.65 3.37 18.56
N3 AFH D . 15.92 3.04 18.10
C4 AFH D . 16.15 2.40 16.87
C1D AFH D . 18.64 2.16 16.74
C2D AFH D . 19.34 0.83 16.95
O2' AFH D . 18.89 0.11 18.09
C3D AFH D . 20.79 1.22 16.94
C4D AFH D . 20.82 2.30 15.94
O4D AFH D . 19.49 2.87 15.82
O3D AFH D . 21.26 1.72 18.21
C5D AFH D . 21.39 1.69 14.66
O5D AFH D . 22.88 1.69 14.70
PA AFH D . 23.86 2.67 13.94
O1A AFH D . 25.16 2.04 13.74
O2A AFH D . 24.04 3.94 14.66
O3A AFH D . 23.17 2.78 12.59
PB AFH D . 23.06 3.71 11.39
O1B AFH D . 23.31 2.97 10.11
O2B AFH D . 21.73 4.23 11.44
O3B AFH D . 24.04 4.96 11.71
C1' AFH D . 24.69 5.48 10.72
C2' AFH D . 24.69 7.02 10.70
C3' AFH D . 25.53 7.49 9.50
C4' AFH D . 26.95 6.94 9.69
C5' AFH D . 26.94 5.40 9.71
C6' AFH D . 28.36 4.74 9.91
C7' AFH D . 28.38 3.20 9.88
F AFH D . 23.37 7.51 10.59
O3' AFH D . 25.56 8.91 9.46
O4' AFH D . 27.81 7.33 8.63
O5' AFH D . 26.05 4.91 10.80
O6' AFH D . 28.90 5.18 11.16
O7' AFH D . 27.12 2.55 9.66
#